data_3JXE
#
_entry.id   3JXE
#
_cell.length_a   170.198
_cell.length_b   170.198
_cell.length_c   170.198
_cell.angle_alpha   90.000
_cell.angle_beta   90.000
_cell.angle_gamma   90.000
#
_symmetry.space_group_name_H-M   'P 21 3'
#
loop_
_entity.id
_entity.type
_entity.pdbx_description
1 polymer 'Tryptophanyl-tRNA synthetase'
2 non-polymer "TRYPTOPHANYL-5'AMP"
3 non-polymer 'SULFATE ION'
4 water water
#
_entity_poly.entity_id   1
_entity_poly.type   'polypeptide(L)'
_entity_poly.pdbx_seq_one_letter_code
;MVEEFKVTPWEVEGVVDYDKLIKHFGTSPLTEDLLEKTAELTKSELPIFFRRKFFFSHRDYDLILKDYEEGRGFFLYTGR
GPSGPMHIGHIIPFFATKWLQEKFGVNLYIQITDDEKFLFKENLTFDDTKRWAYDNILDIIAVGFDPDKTFIFQNSEFTK
IYEMAIPIAKKINFSMAKAVFGFTEQSKIGMIFFPAIQIAPTFFERKRCLIPAAIDQDPYWRLQRDFAESLGYYKTAALH
SKFVPSLTSLSGKMSASKPETAIYLTDSPEDVEKKVWKFTLTGGRPTLKEQREKGGEPEKCVVFKWLEIFFEEDDKKLKE
RYYACKNGELTCGECKRYLISKIQEFLKEHQRRRKKAEKLVEKFKYTGKLAQEMWNEAIPEPLKRSHHHHHH
;
_entity_poly.pdbx_strand_id   A,B
#
loop_
_chem_comp.id
_chem_comp.type
_chem_comp.name
_chem_comp.formula
SO4 non-polymer 'SULFATE ION' 'O4 S -2'
TYM non-polymer TRYPTOPHANYL-5'AMP 'C21 H24 N7 O8 P'
#
# COMPACT_ATOMS: atom_id res chain seq x y z
N MET A 1 11.61 18.49 -28.78
CA MET A 1 12.01 19.78 -29.42
C MET A 1 11.31 20.97 -28.76
N VAL A 2 9.98 21.02 -28.89
CA VAL A 2 9.18 22.16 -28.38
C VAL A 2 8.16 21.79 -27.27
N GLU A 3 7.70 22.79 -26.53
CA GLU A 3 7.11 22.61 -25.19
C GLU A 3 5.60 22.83 -25.04
N GLU A 4 4.91 23.29 -26.10
CA GLU A 4 3.51 23.73 -25.93
C GLU A 4 2.41 22.68 -26.09
N PHE A 5 2.48 21.66 -25.22
CA PHE A 5 1.39 20.70 -24.96
C PHE A 5 1.77 19.85 -23.72
N LYS A 6 0.76 19.29 -23.08
CA LYS A 6 0.99 18.53 -21.84
C LYS A 6 0.51 17.07 -21.98
N VAL A 7 1.39 16.13 -21.64
CA VAL A 7 1.04 14.70 -21.64
C VAL A 7 1.56 14.02 -20.35
N THR A 8 0.67 13.90 -19.38
CA THR A 8 0.96 13.18 -18.14
C THR A 8 0.00 11.99 -18.02
N PRO A 9 0.25 11.06 -17.07
CA PRO A 9 -0.69 9.95 -16.83
C PRO A 9 -2.08 10.37 -16.34
N TRP A 10 -2.32 11.68 -16.25
CA TRP A 10 -3.62 12.19 -15.76
C TRP A 10 -4.19 13.33 -16.62
N GLU A 11 -3.35 13.93 -17.46
CA GLU A 11 -3.78 15.05 -18.30
C GLU A 11 -3.14 15.03 -19.69
N VAL A 12 -3.95 15.33 -20.70
CA VAL A 12 -3.46 15.55 -22.07
C VAL A 12 -4.06 16.85 -22.60
N GLU A 13 -3.23 17.88 -22.72
CA GLU A 13 -3.68 19.21 -23.12
C GLU A 13 -2.98 19.70 -24.38
N GLY A 14 -3.74 20.38 -25.25
CA GLY A 14 -3.18 20.99 -26.46
C GLY A 14 -2.92 20.02 -27.60
N VAL A 15 -2.43 20.55 -28.71
CA VAL A 15 -2.13 19.76 -29.90
C VAL A 15 -0.88 18.92 -29.65
N VAL A 16 -1.05 17.61 -29.68
CA VAL A 16 0.04 16.68 -29.39
C VAL A 16 0.90 16.45 -30.63
N ASP A 17 2.21 16.66 -30.48
CA ASP A 17 3.19 16.29 -31.50
C ASP A 17 3.84 14.99 -31.07
N TYR A 18 3.52 13.91 -31.78
CA TYR A 18 3.97 12.57 -31.42
C TYR A 18 5.45 12.33 -31.71
N ASP A 19 5.99 13.04 -32.70
CA ASP A 19 7.40 12.93 -33.06
C ASP A 19 8.31 13.51 -31.97
N LYS A 20 7.90 14.64 -31.40
CA LYS A 20 8.65 15.27 -30.33
C LYS A 20 8.51 14.50 -29.02
N LEU A 21 7.30 13.99 -28.77
CA LEU A 21 6.99 13.22 -27.56
C LEU A 21 7.85 11.97 -27.47
N ILE A 22 8.16 11.38 -28.63
CA ILE A 22 9.00 10.20 -28.72
C ILE A 22 10.41 10.48 -28.17
N LYS A 23 10.84 11.73 -28.32
CA LYS A 23 12.15 12.18 -27.85
C LYS A 23 12.08 12.73 -26.42
N HIS A 24 10.98 13.42 -26.11
CA HIS A 24 10.70 13.89 -24.75
C HIS A 24 10.74 12.75 -23.74
N PHE A 25 10.15 11.62 -24.12
CA PHE A 25 10.04 10.46 -23.26
C PHE A 25 11.20 9.48 -23.47
N GLY A 26 11.89 9.63 -24.59
CA GLY A 26 13.04 8.77 -24.92
C GLY A 26 12.65 7.38 -25.35
N THR A 27 11.53 7.27 -26.08
CA THR A 27 11.02 5.99 -26.56
C THR A 27 11.40 5.76 -28.01
N SER A 28 11.60 4.50 -28.38
CA SER A 28 11.99 4.13 -29.74
C SER A 28 10.78 4.10 -30.69
N PRO A 29 10.96 4.63 -31.92
CA PRO A 29 9.91 4.56 -32.93
C PRO A 29 9.69 3.13 -33.42
N LEU A 30 8.43 2.73 -33.52
CA LEU A 30 8.07 1.39 -33.98
C LEU A 30 8.31 1.27 -35.48
N THR A 31 9.48 0.74 -35.84
CA THR A 31 9.92 0.67 -37.23
C THR A 31 9.04 -0.22 -38.11
N GLU A 32 9.11 0.03 -39.41
CA GLU A 32 8.30 -0.67 -40.41
C GLU A 32 8.63 -2.17 -40.46
N ASP A 33 9.90 -2.50 -40.26
CA ASP A 33 10.35 -3.89 -40.27
C ASP A 33 9.99 -4.65 -38.99
N LEU A 34 9.86 -3.93 -37.88
CA LEU A 34 9.41 -4.53 -36.61
C LEU A 34 7.97 -5.01 -36.70
N LEU A 35 7.15 -4.24 -37.42
CA LEU A 35 5.76 -4.62 -37.69
C LEU A 35 5.69 -5.85 -38.58
N GLU A 36 6.55 -5.91 -39.59
CA GLU A 36 6.60 -7.05 -40.51
C GLU A 36 7.22 -8.28 -39.86
N LYS A 37 8.07 -8.06 -38.86
CA LYS A 37 8.66 -9.15 -38.08
C LYS A 37 7.60 -9.90 -37.29
N THR A 38 6.60 -9.16 -36.79
CA THR A 38 5.48 -9.75 -36.06
C THR A 38 4.53 -10.51 -36.98
N ALA A 39 4.28 -9.96 -38.16
CA ALA A 39 3.39 -10.57 -39.14
C ALA A 39 3.88 -11.94 -39.61
N GLU A 40 5.20 -12.05 -39.82
CA GLU A 40 5.81 -13.29 -40.27
C GLU A 40 6.01 -14.32 -39.15
N LEU A 41 6.14 -13.82 -37.91
CA LEU A 41 6.37 -14.67 -36.76
C LEU A 41 5.07 -15.28 -36.25
N THR A 42 3.98 -14.54 -36.41
CA THR A 42 2.64 -15.01 -36.05
C THR A 42 1.94 -15.63 -37.25
N LYS A 43 2.55 -15.45 -38.43
CA LYS A 43 2.05 -15.99 -39.71
C LYS A 43 0.62 -15.56 -40.04
N SER A 44 0.30 -14.31 -39.69
CA SER A 44 -1.01 -13.74 -39.97
C SER A 44 -0.92 -12.23 -40.20
N GLU A 45 -1.98 -11.63 -40.70
CA GLU A 45 -2.02 -10.19 -40.96
C GLU A 45 -2.25 -9.39 -39.68
N LEU A 46 -1.60 -8.23 -39.60
CA LEU A 46 -1.71 -7.34 -38.46
C LEU A 46 -3.06 -6.62 -38.42
N PRO A 47 -3.60 -6.39 -37.21
CA PRO A 47 -4.86 -5.66 -37.07
C PRO A 47 -4.77 -4.19 -37.49
N ILE A 48 -5.93 -3.59 -37.75
CA ILE A 48 -6.05 -2.22 -38.28
C ILE A 48 -5.09 -1.20 -37.63
N PHE A 49 -5.03 -1.17 -36.31
CA PHE A 49 -4.27 -0.16 -35.58
C PHE A 49 -2.75 -0.35 -35.60
N PHE A 50 -2.30 -1.58 -35.86
CA PHE A 50 -0.86 -1.84 -35.97
C PHE A 50 -0.30 -1.43 -37.33
N ARG A 51 -0.95 -1.87 -38.40
CA ARG A 51 -0.46 -1.60 -39.76
C ARG A 51 -0.63 -0.15 -40.20
N ARG A 52 -1.64 0.53 -39.66
CA ARG A 52 -1.88 1.94 -39.97
C ARG A 52 -1.14 2.86 -39.00
N LYS A 53 -0.28 2.26 -38.17
CA LYS A 53 0.64 2.97 -37.29
C LYS A 53 -0.04 3.88 -36.25
N PHE A 54 -1.14 3.40 -35.69
CA PHE A 54 -1.76 4.06 -34.54
C PHE A 54 -0.90 3.83 -33.31
N PHE A 55 -0.37 2.60 -33.20
CA PHE A 55 0.72 2.32 -32.29
C PHE A 55 2.01 2.73 -32.97
N PHE A 56 2.59 3.83 -32.50
CA PHE A 56 3.69 4.50 -33.18
C PHE A 56 5.04 4.31 -32.48
N SER A 57 4.98 4.06 -31.18
CA SER A 57 6.18 4.02 -30.35
C SER A 57 6.29 2.71 -29.57
N HIS A 58 7.52 2.34 -29.23
CA HIS A 58 7.77 1.11 -28.47
C HIS A 58 8.95 1.24 -27.51
N ARG A 59 9.08 0.23 -26.65
CA ARG A 59 10.24 0.05 -25.79
C ARG A 59 10.56 -1.43 -25.75
N ASP A 60 11.79 -1.78 -26.13
CA ASP A 60 12.26 -3.18 -26.11
C ASP A 60 11.31 -4.19 -26.77
N TYR A 61 10.58 -3.77 -27.80
CA TYR A 61 9.66 -4.67 -28.49
C TYR A 61 10.43 -5.73 -29.29
N ASP A 62 11.57 -5.32 -29.84
CA ASP A 62 12.49 -6.23 -30.51
C ASP A 62 12.99 -7.33 -29.56
N LEU A 63 13.12 -6.97 -28.28
CA LEU A 63 13.51 -7.92 -27.24
C LEU A 63 12.41 -8.93 -26.94
N ILE A 64 11.15 -8.48 -27.00
CA ILE A 64 9.98 -9.36 -26.79
C ILE A 64 9.90 -10.45 -27.87
N LEU A 65 10.07 -10.04 -29.13
CA LEU A 65 10.04 -10.94 -30.26
C LEU A 65 11.22 -11.91 -30.25
N LYS A 66 12.38 -11.41 -29.85
CA LYS A 66 13.59 -12.23 -29.72
C LYS A 66 13.39 -13.31 -28.65
N ASP A 67 12.73 -12.95 -27.55
CA ASP A 67 12.44 -13.89 -26.47
C ASP A 67 11.43 -14.95 -26.88
N TYR A 68 10.47 -14.57 -27.72
CA TYR A 68 9.41 -15.49 -28.13
C TYR A 68 9.91 -16.58 -29.07
N GLU A 69 10.63 -16.19 -30.13
CA GLU A 69 11.13 -17.15 -31.11
C GLU A 69 12.21 -18.08 -30.55
N GLU A 70 12.84 -17.64 -29.45
CA GLU A 70 13.83 -18.47 -28.76
C GLU A 70 13.20 -19.31 -27.64
N GLY A 71 11.87 -19.22 -27.53
CA GLY A 71 11.09 -20.12 -26.70
C GLY A 71 11.04 -19.86 -25.21
N ARG A 72 11.52 -18.70 -24.78
CA ARG A 72 11.44 -18.33 -23.36
C ARG A 72 10.20 -17.50 -22.99
N GLY A 73 9.44 -17.12 -24.02
CA GLY A 73 8.15 -16.46 -23.84
C GLY A 73 8.16 -15.10 -23.17
N PHE A 74 6.96 -14.60 -22.88
CA PHE A 74 6.76 -13.32 -22.18
C PHE A 74 5.34 -13.25 -21.62
N PHE A 75 4.96 -12.10 -21.08
CA PHE A 75 3.59 -11.89 -20.60
C PHE A 75 3.08 -10.47 -20.83
N LEU A 76 1.75 -10.35 -20.94
CA LEU A 76 1.08 -9.09 -21.21
C LEU A 76 0.53 -8.44 -19.95
N TYR A 77 0.61 -7.12 -19.88
CA TYR A 77 0.02 -6.35 -18.80
C TYR A 77 -0.51 -5.02 -19.31
N THR A 78 -1.78 -4.77 -19.00
CA THR A 78 -2.39 -3.47 -19.26
C THR A 78 -3.40 -3.20 -18.13
N GLY A 79 -3.98 -2.00 -18.10
CA GLY A 79 -4.89 -1.64 -17.03
C GLY A 79 -5.92 -0.59 -17.38
N ARG A 80 -6.74 -0.25 -16.38
CA ARG A 80 -7.82 0.70 -16.54
C ARG A 80 -8.15 1.35 -15.20
N GLY A 81 -8.27 2.68 -15.22
CA GLY A 81 -8.69 3.44 -14.04
C GLY A 81 -10.17 3.75 -14.06
N PRO A 82 -10.95 3.07 -13.18
CA PRO A 82 -12.41 3.19 -13.18
C PRO A 82 -12.93 4.46 -12.52
N SER A 83 -12.77 5.59 -13.21
CA SER A 83 -13.25 6.87 -12.73
C SER A 83 -14.68 7.17 -13.22
N GLY A 84 -15.15 6.33 -14.15
CA GLY A 84 -16.48 6.47 -14.73
C GLY A 84 -16.67 5.48 -15.86
N PRO A 85 -17.64 5.75 -16.77
CA PRO A 85 -17.86 4.87 -17.91
C PRO A 85 -16.71 4.94 -18.91
N MET A 86 -16.49 3.85 -19.63
CA MET A 86 -15.40 3.76 -20.60
C MET A 86 -15.81 4.24 -21.99
N HIS A 87 -14.86 4.81 -22.73
CA HIS A 87 -15.09 5.23 -24.12
C HIS A 87 -14.19 4.49 -25.11
N ILE A 88 -14.35 4.80 -26.39
CA ILE A 88 -13.62 4.13 -27.48
C ILE A 88 -12.09 4.14 -27.34
N GLY A 89 -11.55 5.24 -26.81
CA GLY A 89 -10.12 5.38 -26.61
C GLY A 89 -9.56 4.40 -25.60
N HIS A 90 -10.31 4.19 -24.52
CA HIS A 90 -9.91 3.27 -23.45
C HIS A 90 -9.86 1.81 -23.89
N ILE A 91 -10.66 1.45 -24.89
CA ILE A 91 -10.81 0.05 -25.28
C ILE A 91 -9.77 -0.45 -26.28
N ILE A 92 -9.15 0.46 -27.02
CA ILE A 92 -8.17 0.11 -28.05
C ILE A 92 -6.95 -0.67 -27.50
N PRO A 93 -6.35 -0.20 -26.38
CA PRO A 93 -5.26 -0.99 -25.78
C PRO A 93 -5.66 -2.45 -25.55
N PHE A 94 -6.89 -2.67 -25.10
CA PHE A 94 -7.39 -4.01 -24.82
C PHE A 94 -7.58 -4.87 -26.06
N PHE A 95 -7.95 -4.24 -27.18
CA PHE A 95 -8.06 -4.92 -28.46
C PHE A 95 -6.69 -5.33 -29.00
N ALA A 96 -5.69 -4.47 -28.78
CA ALA A 96 -4.30 -4.78 -29.12
C ALA A 96 -3.78 -5.91 -28.24
N THR A 97 -4.17 -5.87 -26.96
CA THR A 97 -3.77 -6.89 -25.99
C THR A 97 -4.43 -8.24 -26.31
N LYS A 98 -5.66 -8.18 -26.84
CA LYS A 98 -6.38 -9.39 -27.27
C LYS A 98 -5.64 -10.11 -28.40
N TRP A 99 -5.26 -9.35 -29.41
CA TRP A 99 -4.56 -9.89 -30.58
C TRP A 99 -3.21 -10.50 -30.20
N LEU A 100 -2.50 -9.84 -29.27
CA LEU A 100 -1.18 -10.30 -28.84
C LEU A 100 -1.26 -11.58 -28.00
N GLN A 101 -2.28 -11.67 -27.15
CA GLN A 101 -2.52 -12.90 -26.39
C GLN A 101 -2.97 -14.03 -27.32
N GLU A 102 -3.77 -13.67 -28.32
CA GLU A 102 -4.28 -14.63 -29.30
C GLU A 102 -3.13 -15.28 -30.08
N LYS A 103 -2.30 -14.46 -30.72
CA LYS A 103 -1.25 -14.95 -31.61
C LYS A 103 -0.03 -15.52 -30.90
N PHE A 104 0.30 -14.99 -29.72
CA PHE A 104 1.48 -15.43 -28.98
C PHE A 104 1.17 -16.41 -27.85
N GLY A 105 -0.10 -16.49 -27.45
CA GLY A 105 -0.55 -17.41 -26.42
C GLY A 105 0.13 -17.22 -25.07
N VAL A 106 0.14 -15.97 -24.59
CA VAL A 106 0.81 -15.61 -23.35
C VAL A 106 -0.19 -15.24 -22.24
N ASN A 107 0.29 -15.20 -21.00
CA ASN A 107 -0.51 -14.75 -19.87
C ASN A 107 -0.82 -13.25 -19.93
N LEU A 108 -1.95 -12.86 -19.35
CA LEU A 108 -2.37 -11.46 -19.35
C LEU A 108 -2.82 -11.04 -17.96
N TYR A 109 -2.26 -9.92 -17.49
CA TYR A 109 -2.67 -9.34 -16.21
C TYR A 109 -3.29 -7.97 -16.43
N ILE A 110 -4.53 -7.81 -15.95
CA ILE A 110 -5.26 -6.57 -16.12
C ILE A 110 -5.52 -5.92 -14.77
N GLN A 111 -4.92 -4.75 -14.57
CA GLN A 111 -5.03 -4.03 -13.31
C GLN A 111 -6.13 -2.98 -13.36
N ILE A 112 -7.08 -3.09 -12.42
CA ILE A 112 -8.17 -2.14 -12.30
C ILE A 112 -7.89 -1.25 -11.09
N THR A 113 -7.39 -0.04 -11.37
CA THR A 113 -6.87 0.84 -10.34
C THR A 113 -7.95 1.66 -9.66
N ASP A 114 -8.84 0.98 -8.95
CA ASP A 114 -9.90 1.63 -8.20
C ASP A 114 -9.38 2.39 -6.98
N ASP A 115 -8.16 2.05 -6.55
CA ASP A 115 -7.46 2.81 -5.52
C ASP A 115 -6.97 4.15 -6.06
N GLU A 116 -6.39 4.14 -7.25
CA GLU A 116 -5.89 5.35 -7.90
C GLU A 116 -6.98 6.40 -8.03
N LYS A 117 -8.08 6.01 -8.66
CA LYS A 117 -9.15 6.94 -9.03
C LYS A 117 -9.89 7.53 -7.83
N PHE A 118 -9.92 6.79 -6.73
CA PHE A 118 -10.42 7.36 -5.48
C PHE A 118 -9.45 8.42 -4.97
N LEU A 119 -8.17 8.07 -4.88
CA LEU A 119 -7.13 8.96 -4.36
C LEU A 119 -6.95 10.23 -5.20
N PHE A 120 -6.98 10.08 -6.52
CA PHE A 120 -6.65 11.18 -7.44
C PHE A 120 -7.82 12.09 -7.82
N LYS A 121 -9.04 11.74 -7.40
CA LYS A 121 -10.21 12.55 -7.68
C LYS A 121 -11.06 12.83 -6.45
N GLU A 122 -11.36 14.11 -6.22
CA GLU A 122 -12.07 14.54 -5.02
C GLU A 122 -13.56 14.22 -4.99
N ASN A 123 -14.20 14.31 -6.15
CA ASN A 123 -15.63 14.03 -6.27
C ASN A 123 -15.97 12.58 -5.93
N LEU A 124 -15.10 11.67 -6.38
CA LEU A 124 -15.33 10.23 -6.28
C LEU A 124 -15.04 9.68 -4.89
N THR A 125 -15.96 8.84 -4.39
CA THR A 125 -15.75 8.11 -3.15
C THR A 125 -15.20 6.72 -3.49
N PHE A 126 -14.57 6.08 -2.50
CA PHE A 126 -13.97 4.76 -2.69
C PHE A 126 -15.03 3.74 -3.07
N ASP A 127 -16.25 3.97 -2.59
CA ASP A 127 -17.36 3.07 -2.82
C ASP A 127 -17.82 3.09 -4.27
N ASP A 128 -18.01 4.29 -4.84
CA ASP A 128 -18.50 4.39 -6.23
C ASP A 128 -17.39 4.15 -7.26
N THR A 129 -16.15 4.13 -6.80
CA THR A 129 -15.02 3.79 -7.67
C THR A 129 -14.93 2.28 -7.87
N LYS A 130 -15.37 1.53 -6.86
CA LYS A 130 -15.45 0.07 -6.94
C LYS A 130 -16.64 -0.33 -7.81
N ARG A 131 -17.70 0.48 -7.79
CA ARG A 131 -18.85 0.30 -8.67
C ARG A 131 -18.41 0.30 -10.13
N TRP A 132 -17.79 1.41 -10.55
CA TRP A 132 -17.29 1.57 -11.91
C TRP A 132 -16.30 0.50 -12.29
N ALA A 133 -15.56 0.00 -11.30
CA ALA A 133 -14.63 -1.10 -11.49
C ALA A 133 -15.33 -2.32 -12.11
N TYR A 134 -16.43 -2.74 -11.48
CA TYR A 134 -17.25 -3.83 -12.00
C TYR A 134 -17.77 -3.54 -13.40
N ASP A 135 -18.36 -2.35 -13.57
CA ASP A 135 -18.87 -1.90 -14.87
C ASP A 135 -17.79 -1.97 -15.95
N ASN A 136 -16.59 -1.50 -15.60
CA ASN A 136 -15.46 -1.51 -16.51
C ASN A 136 -14.97 -2.92 -16.86
N ILE A 137 -14.95 -3.80 -15.86
CA ILE A 137 -14.63 -5.21 -16.10
C ILE A 137 -15.47 -5.73 -17.26
N LEU A 138 -16.79 -5.56 -17.16
CA LEU A 138 -17.75 -6.01 -18.17
C LEU A 138 -17.34 -5.64 -19.60
N ASP A 139 -16.97 -4.37 -19.81
CA ASP A 139 -16.50 -3.90 -21.11
C ASP A 139 -15.19 -4.56 -21.52
N ILE A 140 -14.28 -4.72 -20.57
CA ILE A 140 -12.97 -5.31 -20.83
C ILE A 140 -13.08 -6.79 -21.20
N ILE A 141 -13.86 -7.54 -20.41
CA ILE A 141 -14.09 -8.96 -20.67
C ILE A 141 -14.97 -9.17 -21.92
N ALA A 142 -15.71 -8.13 -22.32
CA ALA A 142 -16.50 -8.16 -23.56
C ALA A 142 -15.65 -8.13 -24.83
N VAL A 143 -14.37 -7.80 -24.70
CA VAL A 143 -13.45 -7.82 -25.83
C VAL A 143 -13.13 -9.27 -26.21
N GLY A 144 -13.11 -10.15 -25.22
CA GLY A 144 -12.87 -11.57 -25.43
C GLY A 144 -11.42 -11.97 -25.22
N PHE A 145 -11.11 -12.41 -24.01
CA PHE A 145 -9.77 -12.88 -23.66
C PHE A 145 -9.80 -14.36 -23.27
N ASP A 146 -8.63 -15.00 -23.31
CA ASP A 146 -8.48 -16.39 -22.90
C ASP A 146 -8.83 -16.53 -21.41
N PRO A 147 -9.86 -17.34 -21.09
CA PRO A 147 -10.36 -17.46 -19.72
C PRO A 147 -9.37 -18.12 -18.76
N ASP A 148 -8.28 -18.68 -19.30
CA ASP A 148 -7.31 -19.42 -18.50
C ASP A 148 -5.92 -18.77 -18.55
N LYS A 149 -5.76 -17.80 -19.43
CA LYS A 149 -4.50 -17.07 -19.56
C LYS A 149 -4.65 -15.58 -19.19
N THR A 150 -5.70 -15.25 -18.44
CA THR A 150 -5.98 -13.85 -18.10
C THR A 150 -6.42 -13.68 -16.64
N PHE A 151 -5.82 -12.70 -15.98
CA PHE A 151 -6.18 -12.35 -14.61
C PHE A 151 -6.57 -10.88 -14.52
N ILE A 152 -7.83 -10.65 -14.16
CA ILE A 152 -8.35 -9.30 -13.97
C ILE A 152 -8.57 -9.06 -12.47
N PHE A 153 -7.93 -8.03 -11.93
CA PHE A 153 -7.98 -7.76 -10.50
C PHE A 153 -8.12 -6.27 -10.17
N GLN A 154 -8.73 -6.00 -9.02
CA GLN A 154 -8.80 -4.66 -8.46
C GLN A 154 -7.79 -4.54 -7.32
N ASN A 155 -7.08 -3.42 -7.27
CA ASN A 155 -6.05 -3.20 -6.26
C ASN A 155 -6.58 -3.25 -4.83
N SER A 156 -7.84 -2.88 -4.65
CA SER A 156 -8.49 -2.90 -3.34
C SER A 156 -8.86 -4.32 -2.89
N GLU A 157 -8.97 -5.23 -3.85
CA GLU A 157 -9.37 -6.60 -3.58
C GLU A 157 -8.18 -7.55 -3.55
N PHE A 158 -7.47 -7.62 -4.68
CA PHE A 158 -6.22 -8.38 -4.75
C PHE A 158 -5.10 -7.51 -4.21
N THR A 159 -5.11 -7.31 -2.89
CA THR A 159 -4.20 -6.38 -2.23
C THR A 159 -2.74 -6.87 -2.18
N LYS A 160 -2.46 -8.00 -2.82
CA LYS A 160 -1.11 -8.52 -2.89
C LYS A 160 -0.17 -7.56 -3.64
N ILE A 161 -0.75 -6.70 -4.49
CA ILE A 161 0.05 -5.69 -5.20
C ILE A 161 0.81 -4.77 -4.26
N TYR A 162 0.27 -4.56 -3.05
CA TYR A 162 0.96 -3.76 -2.05
C TYR A 162 2.29 -4.41 -1.67
N GLU A 163 2.25 -5.72 -1.42
CA GLU A 163 3.45 -6.49 -1.12
C GLU A 163 4.37 -6.59 -2.35
N MET A 164 3.76 -6.58 -3.53
CA MET A 164 4.51 -6.60 -4.79
C MET A 164 5.14 -5.25 -5.11
N ALA A 165 4.62 -4.19 -4.49
CA ALA A 165 5.07 -2.82 -4.76
C ALA A 165 6.15 -2.32 -3.81
N ILE A 166 6.25 -2.93 -2.63
CA ILE A 166 7.18 -2.49 -1.59
C ILE A 166 8.65 -2.44 -2.03
N PRO A 167 9.15 -3.49 -2.72
CA PRO A 167 10.52 -3.41 -3.26
C PRO A 167 10.81 -2.12 -4.04
N ILE A 168 9.99 -1.80 -5.04
CA ILE A 168 10.16 -0.60 -5.86
C ILE A 168 9.83 0.69 -5.08
N ALA A 169 9.00 0.57 -4.06
CA ALA A 169 8.63 1.71 -3.22
C ALA A 169 9.79 2.16 -2.32
N LYS A 170 10.76 1.28 -2.15
CA LYS A 170 12.00 1.60 -1.44
C LYS A 170 13.04 2.14 -2.40
N LYS A 171 12.94 1.72 -3.66
CA LYS A 171 13.87 2.19 -4.70
C LYS A 171 13.52 3.59 -5.18
N ILE A 172 12.24 3.83 -5.47
CA ILE A 172 11.80 5.12 -5.99
C ILE A 172 11.93 6.22 -4.93
N ASN A 173 12.96 7.03 -5.13
CA ASN A 173 13.19 8.24 -4.35
C ASN A 173 12.03 9.22 -4.53
N PHE A 174 11.75 10.00 -3.50
CA PHE A 174 10.65 10.95 -3.57
C PHE A 174 10.94 12.15 -4.49
N SER A 175 12.18 12.60 -4.49
CA SER A 175 12.61 13.67 -5.40
C SER A 175 12.29 13.29 -6.85
N MET A 176 12.56 12.03 -7.20
CA MET A 176 12.32 11.57 -8.57
C MET A 176 10.84 11.27 -8.86
N ALA A 177 10.05 11.08 -7.80
CA ALA A 177 8.61 10.93 -7.95
C ALA A 177 7.99 12.25 -8.41
N LYS A 178 8.33 13.34 -7.72
CA LYS A 178 7.90 14.70 -8.07
C LYS A 178 8.35 15.08 -9.47
N ALA A 179 9.50 14.58 -9.87
CA ALA A 179 10.10 14.91 -11.16
C ALA A 179 9.39 14.22 -12.32
N VAL A 180 9.08 12.93 -12.13
CA VAL A 180 8.45 12.13 -13.19
C VAL A 180 6.95 12.39 -13.31
N PHE A 181 6.26 12.54 -12.18
CA PHE A 181 4.80 12.65 -12.17
C PHE A 181 4.24 14.03 -11.80
N GLY A 182 5.13 14.95 -11.45
CA GLY A 182 4.74 16.33 -11.14
C GLY A 182 3.98 16.50 -9.83
N PHE A 183 4.24 15.63 -8.87
CA PHE A 183 3.62 15.74 -7.54
C PHE A 183 4.08 17.02 -6.84
N THR A 184 3.18 17.62 -6.09
CA THR A 184 3.51 18.84 -5.34
C THR A 184 3.30 18.59 -3.85
N GLU A 185 3.65 19.59 -3.03
CA GLU A 185 3.50 19.51 -1.58
C GLU A 185 2.04 19.28 -1.17
N GLN A 186 1.12 19.44 -2.11
CA GLN A 186 -0.30 19.38 -1.85
C GLN A 186 -0.91 18.04 -2.28
N SER A 187 -0.08 17.19 -2.87
CA SER A 187 -0.49 15.83 -3.24
C SER A 187 -0.79 14.99 -1.99
N LYS A 188 -1.54 13.92 -2.16
CA LYS A 188 -1.86 13.03 -1.05
C LYS A 188 -0.80 11.93 -0.96
N ILE A 189 -0.54 11.45 0.25
CA ILE A 189 0.48 10.40 0.44
C ILE A 189 0.15 9.14 -0.37
N GLY A 190 -1.14 8.87 -0.55
CA GLY A 190 -1.61 7.77 -1.40
C GLY A 190 -1.28 8.01 -2.86
N MET A 191 -1.36 9.27 -3.27
CA MET A 191 -1.01 9.67 -4.64
C MET A 191 0.47 9.41 -4.93
N ILE A 192 1.31 9.81 -3.97
CA ILE A 192 2.77 9.68 -4.10
C ILE A 192 3.23 8.22 -4.13
N PHE A 193 2.52 7.37 -3.38
CA PHE A 193 2.84 5.95 -3.31
C PHE A 193 2.39 5.19 -4.56
N PHE A 194 1.31 5.63 -5.17
CA PHE A 194 0.66 4.87 -6.25
C PHE A 194 1.57 4.37 -7.39
N PRO A 195 2.52 5.19 -7.88
CA PRO A 195 3.37 4.69 -8.97
C PRO A 195 4.00 3.32 -8.69
N ALA A 196 4.26 3.02 -7.42
CA ALA A 196 4.76 1.70 -7.03
C ALA A 196 3.73 0.60 -7.32
N ILE A 197 2.45 0.93 -7.12
CA ILE A 197 1.34 0.00 -7.38
C ILE A 197 1.16 -0.30 -8.88
N GLN A 198 1.29 0.72 -9.72
CA GLN A 198 1.12 0.53 -11.17
C GLN A 198 2.31 -0.19 -11.80
N ILE A 199 3.49 -0.04 -11.20
CA ILE A 199 4.70 -0.70 -11.66
C ILE A 199 4.72 -2.17 -11.22
N ALA A 200 4.12 -2.43 -10.05
CA ALA A 200 4.10 -3.77 -9.43
C ALA A 200 3.74 -4.96 -10.35
N PRO A 201 2.68 -4.84 -11.19
CA PRO A 201 2.30 -5.96 -12.04
C PRO A 201 3.37 -6.44 -13.03
N THR A 202 4.39 -5.63 -13.29
CA THR A 202 5.50 -6.05 -14.15
C THR A 202 6.35 -7.15 -13.49
N PHE A 203 6.15 -7.34 -12.19
CA PHE A 203 6.87 -8.37 -11.43
C PHE A 203 5.97 -9.57 -11.13
N PHE A 204 4.96 -9.79 -11.96
CA PHE A 204 4.08 -10.97 -11.82
C PHE A 204 4.81 -12.25 -12.18
N GLU A 205 5.70 -12.16 -13.16
CA GLU A 205 6.50 -13.30 -13.60
C GLU A 205 7.97 -12.88 -13.80
N ARG A 206 8.85 -13.88 -13.81
CA ARG A 206 10.28 -13.64 -14.05
C ARG A 206 10.56 -13.35 -15.53
N LYS A 207 9.63 -13.75 -16.40
CA LYS A 207 9.72 -13.49 -17.82
C LYS A 207 9.53 -12.00 -18.13
N ARG A 208 9.95 -11.57 -19.32
CA ARG A 208 9.82 -10.17 -19.74
C ARG A 208 8.35 -9.76 -19.91
N CYS A 209 8.07 -8.47 -19.71
CA CYS A 209 6.70 -7.96 -19.75
C CYS A 209 6.47 -7.01 -20.92
N LEU A 210 5.31 -7.14 -21.57
CA LEU A 210 4.89 -6.23 -22.64
C LEU A 210 3.66 -5.46 -22.19
N ILE A 211 3.70 -4.13 -22.33
CA ILE A 211 2.58 -3.28 -21.94
C ILE A 211 2.00 -2.48 -23.12
N PRO A 212 0.87 -2.96 -23.68
CA PRO A 212 0.13 -2.19 -24.68
C PRO A 212 -0.74 -1.11 -24.02
N ALA A 213 -0.40 0.15 -24.26
CA ALA A 213 -1.13 1.30 -23.72
C ALA A 213 -0.93 2.52 -24.62
N ALA A 214 -1.54 3.65 -24.26
CA ALA A 214 -1.26 4.90 -24.95
C ALA A 214 -0.02 5.57 -24.35
N ILE A 215 0.56 6.50 -25.09
CA ILE A 215 1.81 7.15 -24.70
C ILE A 215 1.75 7.87 -23.34
N ASP A 216 0.55 8.20 -22.87
CA ASP A 216 0.38 8.93 -21.61
C ASP A 216 0.76 8.13 -20.36
N GLN A 217 0.75 6.81 -20.47
CA GLN A 217 1.04 5.94 -19.34
C GLN A 217 2.54 5.61 -19.20
N ASP A 218 3.34 6.16 -20.11
CA ASP A 218 4.76 5.83 -20.20
C ASP A 218 5.65 6.19 -18.99
N PRO A 219 5.42 7.37 -18.35
CA PRO A 219 6.21 7.74 -17.17
C PRO A 219 6.42 6.63 -16.14
N TYR A 220 5.39 5.82 -15.91
CA TYR A 220 5.48 4.67 -15.00
C TYR A 220 6.54 3.68 -15.46
N TRP A 221 6.59 3.44 -16.76
CA TRP A 221 7.47 2.42 -17.32
C TRP A 221 8.93 2.86 -17.34
N ARG A 222 9.16 4.17 -17.41
CA ARG A 222 10.52 4.71 -17.28
C ARG A 222 11.12 4.41 -15.92
N LEU A 223 10.35 4.67 -14.86
CA LEU A 223 10.79 4.37 -13.49
C LEU A 223 11.01 2.88 -13.26
N GLN A 224 10.15 2.06 -13.86
CA GLN A 224 10.28 0.60 -13.75
C GLN A 224 11.64 0.15 -14.28
N ARG A 225 12.02 0.68 -15.44
CA ARG A 225 13.25 0.27 -16.12
C ARG A 225 14.50 0.77 -15.39
N ASP A 226 14.33 1.82 -14.59
CA ASP A 226 15.41 2.38 -13.79
C ASP A 226 15.86 1.43 -12.67
N PHE A 227 14.95 0.60 -12.20
CA PHE A 227 15.24 -0.27 -11.05
C PHE A 227 14.94 -1.75 -11.27
N ALA A 228 14.51 -2.10 -12.49
CA ALA A 228 14.12 -3.47 -12.83
C ALA A 228 15.22 -4.50 -12.54
N GLU A 229 16.42 -4.26 -13.06
CA GLU A 229 17.57 -5.15 -12.87
C GLU A 229 17.94 -5.35 -11.40
N SER A 230 18.07 -4.25 -10.67
CA SER A 230 18.45 -4.30 -9.25
C SER A 230 17.40 -4.99 -8.38
N LEU A 231 16.21 -5.19 -8.93
CA LEU A 231 15.13 -5.91 -8.25
C LEU A 231 15.01 -7.34 -8.74
N GLY A 232 15.82 -7.69 -9.74
CA GLY A 232 15.89 -9.05 -10.28
C GLY A 232 14.87 -9.36 -11.36
N TYR A 233 14.51 -8.34 -12.15
CA TYR A 233 13.55 -8.49 -13.23
C TYR A 233 14.02 -7.80 -14.50
N TYR A 234 13.34 -8.08 -15.61
CA TYR A 234 13.65 -7.44 -16.88
C TYR A 234 13.07 -6.02 -16.93
N LYS A 235 13.75 -5.14 -17.65
CA LYS A 235 13.21 -3.81 -17.97
C LYS A 235 11.99 -4.00 -18.85
N THR A 236 10.84 -3.52 -18.39
CA THR A 236 9.57 -3.75 -19.07
C THR A 236 9.55 -3.20 -20.49
N ALA A 237 8.94 -3.97 -21.39
CA ALA A 237 8.73 -3.54 -22.76
C ALA A 237 7.36 -2.90 -22.89
N ALA A 238 7.19 -2.06 -23.91
CA ALA A 238 5.94 -1.34 -24.09
C ALA A 238 5.62 -1.08 -25.57
N LEU A 239 4.33 -1.03 -25.87
CA LEU A 239 3.83 -0.57 -27.15
C LEU A 239 2.92 0.62 -26.90
N HIS A 240 3.28 1.77 -27.47
CA HIS A 240 2.57 3.01 -27.24
C HIS A 240 1.66 3.35 -28.41
N SER A 241 0.38 3.60 -28.11
CA SER A 241 -0.56 4.07 -29.11
C SER A 241 -0.68 5.59 -29.06
N LYS A 242 -1.19 6.17 -30.14
CA LYS A 242 -1.56 7.58 -30.15
C LYS A 242 -2.88 7.74 -29.39
N PHE A 243 -3.43 8.96 -29.41
CA PHE A 243 -4.71 9.21 -28.78
C PHE A 243 -5.85 9.25 -29.79
N VAL A 244 -7.02 8.81 -29.37
CA VAL A 244 -8.24 9.01 -30.13
C VAL A 244 -8.72 10.44 -29.85
N PRO A 245 -8.81 11.28 -30.89
CA PRO A 245 -9.26 12.65 -30.69
C PRO A 245 -10.76 12.74 -30.41
N SER A 246 -11.19 13.86 -29.84
CA SER A 246 -12.62 14.12 -29.63
C SER A 246 -13.26 14.58 -30.94
N LEU A 247 -14.59 14.73 -30.94
CA LEU A 247 -15.33 15.13 -32.13
C LEU A 247 -14.99 16.55 -32.59
N THR A 248 -15.24 17.54 -31.73
CA THR A 248 -15.08 18.94 -32.09
C THR A 248 -13.62 19.38 -32.15
N SER A 249 -12.79 18.82 -31.26
CA SER A 249 -11.40 19.26 -31.13
C SER A 249 -10.38 18.28 -31.70
N LEU A 250 -9.20 18.80 -32.00
CA LEU A 250 -8.03 18.00 -32.38
C LEU A 250 -6.86 18.33 -31.46
N SER A 251 -7.07 19.34 -30.62
CA SER A 251 -6.04 19.84 -29.71
C SER A 251 -6.26 19.32 -28.28
N GLY A 252 -6.38 18.00 -28.14
CA GLY A 252 -6.53 17.38 -26.84
C GLY A 252 -6.53 15.87 -26.89
N LYS A 253 -7.62 15.29 -26.38
CA LYS A 253 -7.75 13.84 -26.19
C LYS A 253 -9.21 13.57 -25.86
N MET A 254 -9.76 12.47 -26.36
CA MET A 254 -11.12 12.08 -26.02
C MET A 254 -11.20 11.72 -24.54
N SER A 255 -11.96 12.51 -23.79
CA SER A 255 -12.06 12.34 -22.35
C SER A 255 -13.50 12.35 -21.88
N ALA A 256 -13.76 11.65 -20.78
CA ALA A 256 -15.07 11.60 -20.15
C ALA A 256 -15.45 12.95 -19.53
N SER A 257 -14.46 13.82 -19.37
CA SER A 257 -14.67 15.19 -18.88
C SER A 257 -15.53 16.00 -19.85
N LYS A 258 -15.48 15.61 -21.12
CA LYS A 258 -16.31 16.21 -22.16
C LYS A 258 -17.18 15.10 -22.79
N PRO A 259 -18.32 14.77 -22.15
CA PRO A 259 -19.19 13.66 -22.59
C PRO A 259 -19.79 13.89 -23.97
N GLU A 260 -19.94 15.15 -24.35
CA GLU A 260 -20.55 15.53 -25.62
C GLU A 260 -19.69 15.13 -26.82
N THR A 261 -18.38 15.07 -26.63
CA THR A 261 -17.43 14.79 -27.72
C THR A 261 -16.82 13.39 -27.62
N ALA A 262 -17.37 12.56 -26.75
CA ALA A 262 -16.88 11.20 -26.55
C ALA A 262 -17.98 10.17 -26.78
N ILE A 263 -17.67 9.13 -27.53
CA ILE A 263 -18.60 8.01 -27.69
C ILE A 263 -18.23 6.87 -26.72
N TYR A 264 -19.10 6.65 -25.74
CA TYR A 264 -18.89 5.62 -24.74
C TYR A 264 -19.24 4.24 -25.28
N LEU A 265 -18.59 3.22 -24.73
CA LEU A 265 -18.86 1.83 -25.08
C LEU A 265 -20.28 1.44 -24.71
N THR A 266 -20.88 2.21 -23.81
CA THR A 266 -22.22 1.97 -23.31
C THR A 266 -23.28 2.87 -23.97
N ASP A 267 -22.84 3.75 -24.86
CA ASP A 267 -23.74 4.66 -25.59
C ASP A 267 -24.78 3.93 -26.43
N SER A 268 -25.98 4.47 -26.49
CA SER A 268 -27.05 3.94 -27.33
C SER A 268 -26.87 4.38 -28.79
N PRO A 269 -27.57 3.73 -29.73
CA PRO A 269 -27.52 4.15 -31.14
C PRO A 269 -27.99 5.59 -31.33
N GLU A 270 -28.97 6.01 -30.55
CA GLU A 270 -29.49 7.38 -30.60
C GLU A 270 -28.47 8.40 -30.09
N ASP A 271 -27.73 8.01 -29.05
CA ASP A 271 -26.66 8.85 -28.49
C ASP A 271 -25.55 9.08 -29.50
N VAL A 272 -25.17 8.03 -30.23
CA VAL A 272 -24.18 8.11 -31.30
C VAL A 272 -24.65 9.10 -32.37
N GLU A 273 -25.90 8.93 -32.84
CA GLU A 273 -26.49 9.78 -33.87
C GLU A 273 -26.50 11.25 -33.46
N LYS A 274 -27.05 11.53 -32.28
CA LYS A 274 -27.16 12.89 -31.75
C LYS A 274 -25.81 13.61 -31.62
N LYS A 275 -24.78 12.89 -31.22
CA LYS A 275 -23.44 13.45 -31.03
C LYS A 275 -22.74 13.82 -32.34
N VAL A 276 -22.97 13.01 -33.37
CA VAL A 276 -22.33 13.20 -34.68
C VAL A 276 -23.10 14.20 -35.56
N TRP A 277 -24.43 14.08 -35.61
CA TRP A 277 -25.29 14.97 -36.40
C TRP A 277 -25.18 16.44 -35.98
N LYS A 278 -24.98 16.67 -34.68
CA LYS A 278 -25.22 17.96 -34.04
C LYS A 278 -24.21 19.09 -34.32
N PHE A 279 -22.98 18.73 -34.70
CA PHE A 279 -21.94 19.75 -34.91
C PHE A 279 -21.46 19.89 -36.37
N THR A 280 -20.20 19.54 -36.63
CA THR A 280 -19.62 19.60 -37.98
C THR A 280 -18.65 18.44 -38.22
N CYS A 301 -8.73 16.17 -40.34
CA CYS A 301 -10.13 15.81 -40.38
C CYS A 301 -10.47 14.73 -39.35
N VAL A 302 -11.35 15.07 -38.42
CA VAL A 302 -11.74 14.18 -37.33
C VAL A 302 -12.61 13.01 -37.80
N VAL A 303 -13.51 13.28 -38.74
CA VAL A 303 -14.43 12.28 -39.29
C VAL A 303 -13.70 11.01 -39.74
N PHE A 304 -12.62 11.18 -40.49
CA PHE A 304 -11.87 10.04 -41.04
C PHE A 304 -10.75 9.52 -40.13
N LYS A 305 -10.39 10.31 -39.12
CA LYS A 305 -9.40 9.88 -38.13
C LYS A 305 -9.86 8.61 -37.42
N TRP A 306 -11.11 8.62 -36.93
CA TRP A 306 -11.69 7.49 -36.22
C TRP A 306 -11.79 6.23 -37.07
N LEU A 307 -12.12 6.41 -38.36
CA LEU A 307 -12.23 5.30 -39.30
C LEU A 307 -10.87 4.68 -39.60
N GLU A 308 -9.85 5.53 -39.70
CA GLU A 308 -8.47 5.11 -39.90
C GLU A 308 -7.96 4.36 -38.66
N ILE A 309 -8.35 4.85 -37.49
CA ILE A 309 -7.86 4.33 -36.22
C ILE A 309 -8.49 2.99 -35.81
N PHE A 310 -9.81 2.88 -35.91
CA PHE A 310 -10.52 1.76 -35.29
C PHE A 310 -11.69 1.16 -36.09
N PHE A 311 -12.39 1.98 -36.88
CA PHE A 311 -13.72 1.61 -37.38
C PHE A 311 -13.83 1.00 -38.78
N GLU A 312 -12.94 1.39 -39.71
CA GLU A 312 -12.94 0.77 -41.04
C GLU A 312 -11.77 -0.21 -41.18
N GLU A 313 -12.11 -1.50 -41.28
CA GLU A 313 -11.11 -2.57 -41.34
C GLU A 313 -10.74 -2.92 -42.80
N ASP A 314 -11.07 -2.03 -43.72
CA ASP A 314 -10.75 -2.20 -45.14
C ASP A 314 -9.96 -0.99 -45.63
N ASP A 315 -8.74 -1.24 -46.12
CA ASP A 315 -7.83 -0.18 -46.56
C ASP A 315 -8.28 0.51 -47.85
N LYS A 316 -8.84 -0.27 -48.77
CA LYS A 316 -9.32 0.25 -50.06
C LYS A 316 -10.50 1.20 -49.89
N LYS A 317 -11.47 0.80 -49.06
CA LYS A 317 -12.64 1.63 -48.77
C LYS A 317 -12.27 2.89 -47.99
N LEU A 318 -11.26 2.76 -47.13
CA LEU A 318 -10.74 3.89 -46.36
C LEU A 318 -10.08 4.93 -47.26
N LYS A 319 -9.25 4.45 -48.19
CA LYS A 319 -8.53 5.30 -49.13
C LYS A 319 -9.48 5.98 -50.13
N GLU A 320 -10.41 5.18 -50.68
CA GLU A 320 -11.36 5.67 -51.68
C GLU A 320 -12.32 6.71 -51.15
N ARG A 321 -12.86 6.48 -49.95
CA ARG A 321 -13.84 7.38 -49.35
C ARG A 321 -13.24 8.69 -48.85
N TYR A 322 -11.96 8.65 -48.42
CA TYR A 322 -11.28 9.85 -47.97
C TYR A 322 -11.09 10.86 -49.11
N TYR A 323 -10.60 10.36 -50.25
CA TYR A 323 -10.42 11.20 -51.44
C TYR A 323 -11.75 11.55 -52.10
N ALA A 324 -12.77 10.71 -51.87
CA ALA A 324 -14.12 10.99 -52.34
C ALA A 324 -14.77 12.12 -51.52
N CYS A 325 -14.24 12.34 -50.32
CA CYS A 325 -14.70 13.42 -49.45
C CYS A 325 -13.82 14.66 -49.61
N LYS A 326 -12.51 14.44 -49.71
CA LYS A 326 -11.52 15.52 -49.84
C LYS A 326 -11.78 16.37 -51.08
N ASN A 327 -11.94 15.71 -52.22
CA ASN A 327 -12.17 16.40 -53.50
C ASN A 327 -13.61 16.87 -53.66
N GLY A 328 -14.55 16.20 -52.99
CA GLY A 328 -15.94 16.65 -52.92
C GLY A 328 -16.94 15.86 -53.75
N GLU A 329 -16.76 14.53 -53.82
CA GLU A 329 -17.74 13.65 -54.45
C GLU A 329 -18.82 13.25 -53.44
N LEU A 330 -18.42 13.10 -52.18
CA LEU A 330 -19.33 12.74 -51.10
C LEU A 330 -19.73 13.99 -50.30
N THR A 331 -21.03 14.11 -50.04
CA THR A 331 -21.54 15.18 -49.19
C THR A 331 -21.17 14.90 -47.74
N CYS A 332 -21.03 15.98 -46.97
CA CYS A 332 -20.69 15.89 -45.55
C CYS A 332 -21.68 15.01 -44.79
N GLY A 333 -22.96 15.12 -45.13
CA GLY A 333 -24.03 14.36 -44.49
C GLY A 333 -23.97 12.87 -44.75
N GLU A 334 -23.69 12.49 -46.00
CA GLU A 334 -23.55 11.09 -46.38
C GLU A 334 -22.28 10.50 -45.78
N CYS A 335 -21.29 11.36 -45.56
CA CYS A 335 -19.99 10.96 -45.05
C CYS A 335 -20.03 10.57 -43.57
N LYS A 336 -20.70 11.41 -42.76
CA LYS A 336 -20.83 11.14 -41.32
C LYS A 336 -21.94 10.13 -41.01
N ARG A 337 -22.82 9.87 -41.98
CA ARG A 337 -23.81 8.81 -41.88
C ARG A 337 -23.10 7.46 -41.91
N TYR A 338 -22.02 7.41 -42.70
CA TYR A 338 -21.18 6.23 -42.85
C TYR A 338 -20.34 5.97 -41.59
N LEU A 339 -19.91 7.04 -40.91
CA LEU A 339 -19.22 6.94 -39.64
C LEU A 339 -20.15 6.35 -38.58
N ILE A 340 -21.35 6.90 -38.47
CA ILE A 340 -22.36 6.44 -37.51
C ILE A 340 -22.64 4.94 -37.70
N SER A 341 -22.77 4.53 -38.96
CA SER A 341 -22.99 3.11 -39.31
C SER A 341 -21.95 2.20 -38.68
N LYS A 342 -20.68 2.56 -38.84
CA LYS A 342 -19.56 1.77 -38.36
C LYS A 342 -19.47 1.70 -36.84
N ILE A 343 -19.59 2.85 -36.19
CA ILE A 343 -19.48 2.92 -34.73
C ILE A 343 -20.76 2.43 -34.03
N GLN A 344 -21.84 2.29 -34.81
CA GLN A 344 -23.09 1.76 -34.31
C GLN A 344 -23.08 0.24 -34.37
N GLU A 345 -22.45 -0.30 -35.43
CA GLU A 345 -22.27 -1.74 -35.59
C GLU A 345 -21.38 -2.31 -34.50
N PHE A 346 -20.28 -1.62 -34.21
CA PHE A 346 -19.34 -2.02 -33.17
C PHE A 346 -19.95 -1.99 -31.77
N LEU A 347 -20.67 -0.91 -31.47
CA LEU A 347 -21.32 -0.73 -30.17
C LEU A 347 -22.46 -1.74 -29.94
N LYS A 348 -23.17 -2.09 -31.01
CA LYS A 348 -24.21 -3.11 -30.94
C LYS A 348 -23.61 -4.46 -30.59
N GLU A 349 -22.46 -4.77 -31.21
CA GLU A 349 -21.71 -5.99 -30.94
C GLU A 349 -21.11 -6.02 -29.54
N HIS A 350 -20.53 -4.89 -29.12
CA HIS A 350 -19.89 -4.79 -27.81
C HIS A 350 -20.90 -4.91 -26.66
N GLN A 351 -22.01 -4.18 -26.76
CA GLN A 351 -23.04 -4.16 -25.73
C GLN A 351 -23.76 -5.50 -25.58
N ARG A 352 -23.86 -6.23 -26.69
CA ARG A 352 -24.37 -7.60 -26.69
C ARG A 352 -23.45 -8.50 -25.87
N ARG A 353 -22.14 -8.36 -26.09
CA ARG A 353 -21.12 -9.14 -25.38
C ARG A 353 -21.03 -8.79 -23.90
N ARG A 354 -21.31 -7.53 -23.57
CA ARG A 354 -21.34 -7.04 -22.19
C ARG A 354 -22.30 -7.86 -21.32
N LYS A 355 -23.47 -8.16 -21.89
CA LYS A 355 -24.48 -8.96 -21.20
C LYS A 355 -24.01 -10.41 -21.03
N LYS A 356 -23.28 -10.91 -22.02
CA LYS A 356 -22.68 -12.25 -21.96
C LYS A 356 -21.49 -12.30 -20.99
N ALA A 357 -20.82 -11.16 -20.84
CA ALA A 357 -19.66 -11.04 -19.97
C ALA A 357 -20.02 -11.12 -18.49
N GLU A 358 -21.25 -10.73 -18.16
CA GLU A 358 -21.74 -10.70 -16.77
C GLU A 358 -21.57 -12.02 -16.04
N LYS A 359 -21.67 -13.12 -16.78
CA LYS A 359 -21.59 -14.46 -16.20
C LYS A 359 -20.19 -15.09 -16.36
N LEU A 360 -19.21 -14.27 -16.72
CA LEU A 360 -17.83 -14.73 -16.84
C LEU A 360 -16.87 -13.96 -15.92
N VAL A 361 -17.44 -13.06 -15.12
CA VAL A 361 -16.67 -12.21 -14.21
C VAL A 361 -15.89 -13.03 -13.18
N GLU A 362 -16.56 -14.03 -12.59
CA GLU A 362 -15.94 -14.92 -11.62
C GLU A 362 -14.76 -15.71 -12.18
N LYS A 363 -14.81 -16.02 -13.47
CA LYS A 363 -13.76 -16.80 -14.13
C LYS A 363 -12.47 -15.99 -14.28
N PHE A 364 -12.59 -14.78 -14.80
CA PHE A 364 -11.43 -13.91 -15.03
C PHE A 364 -10.86 -13.29 -13.75
N LYS A 365 -11.65 -13.28 -12.69
CA LYS A 365 -11.23 -12.69 -11.41
C LYS A 365 -10.76 -13.71 -10.38
N TYR A 366 -11.37 -14.89 -10.37
CA TYR A 366 -11.10 -15.89 -9.33
C TYR A 366 -10.90 -17.32 -9.83
N THR A 367 -11.91 -17.85 -10.54
CA THR A 367 -12.03 -19.28 -10.85
C THR A 367 -11.05 -19.77 -11.92
N GLY A 368 -10.75 -18.93 -12.91
CA GLY A 368 -9.89 -19.30 -14.04
C GLY A 368 -8.52 -19.83 -13.66
N LYS A 369 -7.86 -20.46 -14.63
CA LYS A 369 -6.57 -21.13 -14.40
C LYS A 369 -5.54 -20.19 -13.78
N LEU A 370 -5.30 -19.05 -14.43
CA LEU A 370 -4.34 -18.06 -13.94
C LEU A 370 -4.85 -17.40 -12.67
N ALA A 371 -6.11 -16.99 -12.67
CA ALA A 371 -6.73 -16.33 -11.53
C ALA A 371 -6.65 -17.16 -10.25
N GLN A 372 -6.77 -18.48 -10.38
CA GLN A 372 -6.67 -19.40 -9.25
C GLN A 372 -5.24 -19.47 -8.72
N GLU A 373 -4.27 -19.53 -9.64
CA GLU A 373 -2.85 -19.55 -9.29
C GLU A 373 -2.47 -18.32 -8.47
N MET A 374 -2.84 -17.15 -8.99
CA MET A 374 -2.56 -15.87 -8.34
C MET A 374 -3.21 -15.74 -6.97
N TRP A 375 -4.47 -16.15 -6.86
CA TRP A 375 -5.20 -16.08 -5.59
C TRP A 375 -4.69 -17.08 -4.54
N ASN A 376 -3.99 -18.11 -4.99
CA ASN A 376 -3.34 -19.05 -4.09
C ASN A 376 -2.10 -18.44 -3.44
N GLU A 377 -2.10 -17.11 -3.33
CA GLU A 377 -1.10 -16.36 -2.57
C GLU A 377 -1.64 -16.00 -1.18
N ALA A 378 -2.86 -16.49 -0.88
CA ALA A 378 -3.41 -16.46 0.48
C ALA A 378 -2.73 -17.58 1.28
N ILE A 379 -2.24 -17.22 2.47
CA ILE A 379 -1.58 -18.17 3.37
C ILE A 379 -2.29 -19.52 3.51
N PRO A 380 -1.53 -20.65 3.37
CA PRO A 380 -2.12 -22.00 3.46
C PRO A 380 -2.90 -22.24 4.75
N GLU A 381 -4.28 -22.29 4.55
CA GLU A 381 -5.21 -22.59 5.64
C GLU A 381 -6.63 -22.73 5.06
N MET B 1 7.74 23.70 26.21
CA MET B 1 8.77 24.73 26.58
C MET B 1 10.06 24.55 25.77
N VAL B 2 10.76 23.44 26.00
CA VAL B 2 12.13 23.24 25.49
C VAL B 2 12.29 21.99 24.62
N GLU B 3 13.20 22.08 23.64
CA GLU B 3 13.49 20.96 22.74
C GLU B 3 14.99 20.80 22.43
N GLU B 4 15.73 20.23 23.38
CA GLU B 4 17.12 19.85 23.13
C GLU B 4 17.28 18.33 23.16
N PHE B 5 16.19 17.65 22.78
CA PHE B 5 16.14 16.20 22.64
C PHE B 5 15.17 15.85 21.51
N LYS B 6 15.47 14.78 20.77
CA LYS B 6 14.64 14.38 19.65
C LYS B 6 13.84 13.12 19.96
N VAL B 7 12.52 13.19 19.72
CA VAL B 7 11.63 12.03 19.89
C VAL B 7 10.74 11.88 18.65
N THR B 8 11.16 11.02 17.72
CA THR B 8 10.38 10.70 16.53
C THR B 8 10.05 9.20 16.57
N PRO B 9 9.12 8.74 15.72
CA PRO B 9 8.83 7.30 15.66
C PRO B 9 9.99 6.42 15.19
N TRP B 10 11.16 7.01 14.98
CA TRP B 10 12.32 6.27 14.48
C TRP B 10 13.63 6.51 15.24
N GLU B 11 13.66 7.57 16.05
CA GLU B 11 14.86 7.90 16.84
C GLU B 11 14.55 8.69 18.10
N VAL B 12 15.28 8.38 19.18
CA VAL B 12 15.20 9.11 20.43
C VAL B 12 16.62 9.50 20.87
N GLU B 13 16.89 10.80 20.88
CA GLU B 13 18.23 11.31 21.21
C GLU B 13 18.21 12.30 22.37
N GLY B 14 19.21 12.21 23.24
CA GLY B 14 19.35 13.13 24.37
C GLY B 14 18.47 12.79 25.56
N VAL B 15 18.70 13.50 26.67
CA VAL B 15 17.88 13.32 27.88
C VAL B 15 16.48 13.87 27.64
N VAL B 16 15.48 13.01 27.82
CA VAL B 16 14.11 13.35 27.47
C VAL B 16 13.33 13.88 28.67
N ASP B 17 12.81 15.10 28.52
CA ASP B 17 11.90 15.68 29.51
C ASP B 17 10.49 15.28 29.13
N TYR B 18 9.90 14.40 29.93
CA TYR B 18 8.58 13.85 29.64
C TYR B 18 7.45 14.85 29.89
N ASP B 19 7.68 15.81 30.78
CA ASP B 19 6.71 16.86 31.06
C ASP B 19 6.48 17.77 29.87
N LYS B 20 7.58 18.19 29.23
CA LYS B 20 7.52 19.04 28.05
C LYS B 20 7.01 18.29 26.82
N LEU B 21 7.31 17.00 26.75
CA LEU B 21 6.88 16.15 25.65
C LEU B 21 5.35 16.07 25.59
N ILE B 22 4.72 16.14 26.76
CA ILE B 22 3.26 16.21 26.87
C ILE B 22 2.73 17.48 26.20
N LYS B 23 3.42 18.59 26.43
CA LYS B 23 3.07 19.88 25.84
C LYS B 23 3.40 19.92 24.35
N HIS B 24 4.57 19.40 23.99
CA HIS B 24 5.05 19.37 22.61
C HIS B 24 4.17 18.53 21.68
N PHE B 25 3.58 17.48 22.23
CA PHE B 25 2.75 16.55 21.45
C PHE B 25 1.25 16.82 21.61
N GLY B 26 0.90 17.61 22.63
CA GLY B 26 -0.49 17.98 22.88
C GLY B 26 -1.30 16.89 23.57
N THR B 27 -0.61 15.95 24.20
CA THR B 27 -1.26 14.88 24.95
C THR B 27 -1.68 15.37 26.33
N SER B 28 -2.40 14.54 27.07
CA SER B 28 -2.82 14.89 28.43
C SER B 28 -2.26 13.91 29.46
N PRO B 29 -1.83 14.42 30.64
CA PRO B 29 -1.25 13.59 31.69
C PRO B 29 -2.24 12.57 32.26
N LEU B 30 -1.73 11.36 32.55
CA LEU B 30 -2.53 10.28 33.10
C LEU B 30 -2.80 10.54 34.58
N THR B 31 -3.89 11.24 34.87
CA THR B 31 -4.21 11.69 36.22
C THR B 31 -4.35 10.55 37.22
N GLU B 32 -4.04 10.85 38.47
CA GLU B 32 -4.13 9.91 39.59
C GLU B 32 -5.55 9.37 39.73
N ASP B 33 -6.53 10.18 39.33
CA ASP B 33 -7.95 9.82 39.39
C ASP B 33 -8.29 8.71 38.40
N LEU B 34 -7.69 8.78 37.20
CA LEU B 34 -7.93 7.79 36.15
C LEU B 34 -7.41 6.41 36.51
N LEU B 35 -6.27 6.37 37.21
CA LEU B 35 -5.68 5.12 37.67
C LEU B 35 -6.62 4.37 38.63
N GLU B 36 -7.18 5.10 39.59
CA GLU B 36 -8.09 4.53 40.58
C GLU B 36 -9.44 4.19 39.98
N LYS B 37 -9.82 4.92 38.93
CA LYS B 37 -11.06 4.68 38.19
C LYS B 37 -11.04 3.31 37.48
N THR B 38 -9.86 2.95 36.94
CA THR B 38 -9.68 1.67 36.26
C THR B 38 -9.71 0.50 37.24
N ALA B 39 -9.08 0.69 38.40
CA ALA B 39 -9.02 -0.34 39.45
C ALA B 39 -10.40 -0.74 39.97
N GLU B 40 -11.34 0.21 39.93
CA GLU B 40 -12.72 -0.03 40.34
C GLU B 40 -13.47 -0.90 39.33
N LEU B 41 -13.36 -0.54 38.05
CA LEU B 41 -14.02 -1.25 36.97
C LEU B 41 -13.43 -2.63 36.71
N THR B 42 -12.11 -2.75 36.90
CA THR B 42 -11.40 -4.01 36.71
C THR B 42 -11.46 -4.89 37.97
N LYS B 43 -11.82 -4.27 39.09
CA LYS B 43 -12.00 -4.93 40.38
C LYS B 43 -10.72 -5.61 40.87
N SER B 44 -9.57 -5.02 40.55
CA SER B 44 -8.26 -5.59 40.91
C SER B 44 -7.19 -4.51 41.08
N GLU B 45 -6.00 -4.94 41.50
CA GLU B 45 -4.86 -4.03 41.68
C GLU B 45 -4.15 -3.76 40.35
N LEU B 46 -3.58 -2.57 40.24
CA LEU B 46 -2.88 -2.14 39.03
C LEU B 46 -1.47 -2.72 38.92
N PRO B 47 -1.05 -3.09 37.70
CA PRO B 47 0.30 -3.61 37.42
C PRO B 47 1.40 -2.61 37.74
N ILE B 48 2.60 -3.13 37.98
CA ILE B 48 3.78 -2.33 38.35
C ILE B 48 3.95 -1.05 37.52
N PHE B 49 3.87 -1.18 36.19
CA PHE B 49 4.10 -0.06 35.28
C PHE B 49 2.96 0.97 35.26
N PHE B 50 1.76 0.56 35.70
CA PHE B 50 0.64 1.49 35.78
C PHE B 50 0.66 2.30 37.07
N ARG B 51 0.72 1.63 38.21
CA ARG B 51 0.68 2.31 39.51
C ARG B 51 1.93 3.12 39.83
N ARG B 52 3.07 2.73 39.25
CA ARG B 52 4.32 3.48 39.44
C ARG B 52 4.53 4.52 38.35
N LYS B 53 3.48 4.76 37.56
CA LYS B 53 3.43 5.82 36.55
C LYS B 53 4.54 5.79 35.49
N PHE B 54 4.85 4.58 35.02
CA PHE B 54 5.72 4.41 33.86
C PHE B 54 4.94 4.82 32.62
N PHE B 55 3.66 4.47 32.60
CA PHE B 55 2.70 5.07 31.69
C PHE B 55 2.26 6.39 32.29
N PHE B 56 2.65 7.48 31.64
CA PHE B 56 2.53 8.82 32.22
C PHE B 56 1.54 9.70 31.47
N SER B 57 1.32 9.39 30.20
CA SER B 57 0.48 10.20 29.32
C SER B 57 -0.63 9.39 28.67
N HIS B 58 -1.70 10.06 28.27
CA HIS B 58 -2.83 9.41 27.63
C HIS B 58 -3.54 10.31 26.60
N ARG B 59 -4.42 9.71 25.82
CA ARG B 59 -5.34 10.42 24.94
C ARG B 59 -6.70 9.75 25.03
N ASP B 60 -7.73 10.53 25.35
CA ASP B 60 -9.12 10.06 25.42
C ASP B 60 -9.32 8.77 26.24
N TYR B 61 -8.47 8.56 27.24
CA TYR B 61 -8.55 7.35 28.06
C TYR B 61 -9.79 7.38 28.98
N ASP B 62 -10.19 8.57 29.38
CA ASP B 62 -11.43 8.77 30.14
C ASP B 62 -12.65 8.39 29.31
N LEU B 63 -12.54 8.53 27.99
CA LEU B 63 -13.60 8.17 27.07
C LEU B 63 -13.64 6.67 26.77
N ILE B 64 -12.50 5.99 26.93
CA ILE B 64 -12.42 4.55 26.72
C ILE B 64 -13.04 3.77 27.89
N LEU B 65 -12.97 4.36 29.08
CA LEU B 65 -13.54 3.76 30.29
C LEU B 65 -15.05 4.03 30.36
N LYS B 66 -15.47 5.21 29.91
CA LYS B 66 -16.87 5.58 29.84
C LYS B 66 -17.63 4.63 28.91
N ASP B 67 -17.01 4.28 27.79
CA ASP B 67 -17.60 3.36 26.81
C ASP B 67 -17.75 1.95 27.37
N TYR B 68 -16.76 1.50 28.13
CA TYR B 68 -16.80 0.18 28.75
C TYR B 68 -17.85 0.10 29.85
N GLU B 69 -17.93 1.17 30.65
CA GLU B 69 -18.90 1.29 31.74
C GLU B 69 -20.33 1.33 31.23
N GLU B 70 -20.52 1.94 30.05
CA GLU B 70 -21.85 2.05 29.44
C GLU B 70 -22.15 0.89 28.47
N GLY B 71 -21.31 -0.14 28.51
CA GLY B 71 -21.59 -1.40 27.82
C GLY B 71 -21.45 -1.44 26.31
N ARG B 72 -20.82 -0.42 25.73
CA ARG B 72 -20.55 -0.41 24.29
C ARG B 72 -19.12 -0.86 23.93
N GLY B 73 -18.27 -0.97 24.95
CA GLY B 73 -16.93 -1.55 24.81
C GLY B 73 -15.94 -0.79 23.94
N PHE B 74 -14.79 -1.42 23.72
CA PHE B 74 -13.71 -0.86 22.90
C PHE B 74 -12.81 -1.98 22.35
N PHE B 75 -11.72 -1.61 21.69
CA PHE B 75 -10.72 -2.60 21.25
C PHE B 75 -9.28 -2.09 21.37
N LEU B 76 -8.34 -3.03 21.50
CA LEU B 76 -6.93 -2.71 21.68
C LEU B 76 -6.12 -2.91 20.41
N TYR B 77 -5.12 -2.06 20.22
CA TYR B 77 -4.20 -2.16 19.10
C TYR B 77 -2.80 -1.70 19.50
N THR B 78 -1.82 -2.56 19.23
CA THR B 78 -0.41 -2.23 19.39
C THR B 78 0.37 -2.95 18.29
N GLY B 79 1.66 -2.62 18.15
CA GLY B 79 2.47 -3.21 17.08
C GLY B 79 3.94 -3.31 17.37
N ARG B 80 4.69 -3.81 16.39
CA ARG B 80 6.12 -4.05 16.50
C ARG B 80 6.79 -4.03 15.14
N GLY B 81 7.90 -3.30 15.04
CA GLY B 81 8.70 -3.24 13.83
C GLY B 81 9.87 -4.20 13.88
N PRO B 82 9.81 -5.29 13.08
CA PRO B 82 10.83 -6.34 13.11
C PRO B 82 12.12 -5.97 12.37
N SER B 83 12.95 -5.15 13.00
CA SER B 83 14.27 -4.80 12.45
C SER B 83 15.34 -5.77 12.93
N GLY B 84 15.08 -6.44 14.06
CA GLY B 84 15.99 -7.40 14.64
C GLY B 84 15.39 -8.05 15.87
N PRO B 85 16.23 -8.45 16.83
CA PRO B 85 15.72 -9.06 18.05
C PRO B 85 15.03 -8.03 18.93
N MET B 86 14.01 -8.45 19.67
CA MET B 86 13.31 -7.57 20.59
C MET B 86 14.04 -7.48 21.92
N HIS B 87 14.13 -6.26 22.46
CA HIS B 87 14.67 -6.07 23.81
C HIS B 87 13.55 -5.82 24.83
N ILE B 88 13.94 -5.61 26.08
CA ILE B 88 12.99 -5.49 27.19
C ILE B 88 12.06 -4.28 27.11
N GLY B 89 12.54 -3.20 26.51
CA GLY B 89 11.72 -2.01 26.27
C GLY B 89 10.56 -2.27 25.34
N HIS B 90 10.82 -3.05 24.28
CA HIS B 90 9.81 -3.39 23.28
C HIS B 90 8.63 -4.20 23.85
N ILE B 91 8.87 -4.95 24.91
CA ILE B 91 7.87 -5.89 25.44
C ILE B 91 6.90 -5.30 26.46
N ILE B 92 7.29 -4.19 27.09
CA ILE B 92 6.44 -3.54 28.11
C ILE B 92 5.05 -3.14 27.57
N PRO B 93 4.99 -2.49 26.39
CA PRO B 93 3.67 -2.20 25.81
C PRO B 93 2.79 -3.43 25.68
N PHE B 94 3.40 -4.58 25.34
CA PHE B 94 2.65 -5.83 25.17
C PHE B 94 2.12 -6.41 26.49
N PHE B 95 2.88 -6.21 27.57
CA PHE B 95 2.44 -6.62 28.90
C PHE B 95 1.28 -5.76 29.40
N ALA B 96 1.31 -4.47 29.06
CA ALA B 96 0.24 -3.55 29.38
C ALA B 96 -1.03 -3.91 28.60
N THR B 97 -0.84 -4.29 27.33
CA THR B 97 -1.95 -4.68 26.46
C THR B 97 -2.53 -6.03 26.90
N LYS B 98 -1.68 -6.90 27.44
CA LYS B 98 -2.10 -8.19 28.00
C LYS B 98 -3.07 -7.98 29.16
N TRP B 99 -2.69 -7.11 30.09
CA TRP B 99 -3.49 -6.82 31.27
C TRP B 99 -4.82 -6.16 30.92
N LEU B 100 -4.79 -5.27 29.93
CA LEU B 100 -5.99 -4.57 29.48
C LEU B 100 -6.97 -5.50 28.79
N GLN B 101 -6.46 -6.43 28.00
CA GLN B 101 -7.30 -7.45 27.36
C GLN B 101 -7.90 -8.38 28.41
N GLU B 102 -7.08 -8.74 29.39
CA GLU B 102 -7.49 -9.63 30.47
C GLU B 102 -8.68 -9.05 31.23
N LYS B 103 -8.49 -7.88 31.83
CA LYS B 103 -9.48 -7.29 32.73
C LYS B 103 -10.70 -6.67 32.04
N PHE B 104 -10.56 -6.28 30.78
CA PHE B 104 -11.66 -5.67 30.03
C PHE B 104 -12.30 -6.60 29.01
N GLY B 105 -11.61 -7.70 28.68
CA GLY B 105 -12.14 -8.71 27.77
C GLY B 105 -12.50 -8.19 26.38
N VAL B 106 -11.53 -7.55 25.74
CA VAL B 106 -11.74 -6.95 24.41
C VAL B 106 -10.83 -7.57 23.36
N ASN B 107 -11.11 -7.29 22.09
CA ASN B 107 -10.30 -7.74 20.97
C ASN B 107 -8.94 -7.04 20.91
N LEU B 108 -7.95 -7.70 20.34
CA LEU B 108 -6.60 -7.15 20.24
C LEU B 108 -6.03 -7.37 18.84
N TYR B 109 -5.57 -6.29 18.23
CA TYR B 109 -4.92 -6.36 16.92
C TYR B 109 -3.45 -5.98 17.03
N ILE B 110 -2.58 -6.90 16.62
CA ILE B 110 -1.14 -6.68 16.70
C ILE B 110 -0.55 -6.60 15.29
N GLN B 111 -0.03 -5.42 14.96
CA GLN B 111 0.54 -5.18 13.64
C GLN B 111 2.05 -5.37 13.66
N ILE B 112 2.53 -6.23 12.75
CA ILE B 112 3.95 -6.48 12.60
C ILE B 112 4.42 -5.83 11.30
N THR B 113 5.07 -4.68 11.43
CA THR B 113 5.39 -3.82 10.30
C THR B 113 6.68 -4.23 9.60
N ASP B 114 6.65 -5.41 8.98
CA ASP B 114 7.79 -5.92 8.21
C ASP B 114 7.97 -5.16 6.89
N ASP B 115 6.96 -4.39 6.51
CA ASP B 115 7.06 -3.48 5.37
C ASP B 115 7.80 -2.20 5.75
N GLU B 116 7.46 -1.62 6.89
CA GLU B 116 8.11 -0.41 7.39
C GLU B 116 9.61 -0.60 7.50
N LYS B 117 10.00 -1.66 8.20
CA LYS B 117 11.40 -1.91 8.51
C LYS B 117 12.26 -2.19 7.28
N PHE B 118 11.67 -2.80 6.26
CA PHE B 118 12.38 -2.96 5.00
C PHE B 118 12.59 -1.61 4.33
N LEU B 119 11.55 -0.79 4.29
CA LEU B 119 11.59 0.51 3.65
C LEU B 119 12.52 1.51 4.35
N PHE B 120 12.46 1.53 5.67
CA PHE B 120 13.18 2.55 6.46
C PHE B 120 14.64 2.21 6.77
N LYS B 121 15.01 0.93 6.70
CA LYS B 121 16.40 0.52 6.88
C LYS B 121 17.03 0.11 5.56
N GLU B 122 18.10 0.80 5.19
CA GLU B 122 18.80 0.54 3.93
C GLU B 122 19.49 -0.82 3.87
N ASN B 123 20.08 -1.22 5.00
CA ASN B 123 20.82 -2.48 5.10
C ASN B 123 19.94 -3.74 5.12
N LEU B 124 18.70 -3.59 5.58
CA LEU B 124 17.78 -4.74 5.68
C LEU B 124 17.08 -5.04 4.37
N THR B 125 16.93 -6.34 4.08
CA THR B 125 16.15 -6.80 2.93
C THR B 125 14.76 -7.21 3.39
N PHE B 126 13.84 -7.39 2.43
CA PHE B 126 12.46 -7.71 2.75
C PHE B 126 12.35 -9.09 3.42
N ASP B 127 13.21 -10.01 3.02
CA ASP B 127 13.28 -11.33 3.64
C ASP B 127 13.79 -11.26 5.08
N ASP B 128 14.73 -10.36 5.35
CA ASP B 128 15.26 -10.14 6.69
C ASP B 128 14.15 -9.78 7.67
N THR B 129 13.31 -8.83 7.27
CA THR B 129 12.23 -8.33 8.13
C THR B 129 11.13 -9.37 8.27
N LYS B 130 10.88 -10.13 7.21
CA LYS B 130 9.89 -11.20 7.23
C LYS B 130 10.26 -12.32 8.21
N ARG B 131 11.54 -12.68 8.24
CA ARG B 131 11.99 -13.71 9.19
C ARG B 131 12.12 -13.18 10.61
N TRP B 132 12.54 -11.92 10.76
CA TRP B 132 12.54 -11.26 12.07
C TRP B 132 11.13 -11.07 12.60
N ALA B 133 10.16 -11.00 11.68
CA ALA B 133 8.75 -10.94 12.03
C ALA B 133 8.36 -12.19 12.81
N TYR B 134 8.65 -13.36 12.25
CA TYR B 134 8.36 -14.64 12.91
C TYR B 134 8.99 -14.72 14.30
N ASP B 135 10.26 -14.33 14.38
CA ASP B 135 11.01 -14.32 15.64
C ASP B 135 10.31 -13.46 16.69
N ASN B 136 9.88 -12.27 16.30
CA ASN B 136 9.21 -11.33 17.19
C ASN B 136 7.83 -11.82 17.64
N ILE B 137 7.11 -12.49 16.74
CA ILE B 137 5.81 -13.09 17.04
C ILE B 137 5.91 -14.03 18.25
N LEU B 138 6.95 -14.88 18.23
CA LEU B 138 7.19 -15.84 19.31
C LEU B 138 7.30 -15.14 20.66
N ASP B 139 8.05 -14.05 20.72
CA ASP B 139 8.19 -13.24 21.92
C ASP B 139 6.87 -12.62 22.35
N ILE B 140 6.09 -12.16 21.37
CA ILE B 140 4.80 -11.51 21.62
C ILE B 140 3.76 -12.51 22.11
N ILE B 141 3.73 -13.69 21.49
CA ILE B 141 2.84 -14.77 21.92
C ILE B 141 3.22 -15.28 23.32
N ALA B 142 4.51 -15.23 23.63
CA ALA B 142 5.03 -15.65 24.94
C ALA B 142 4.49 -14.83 26.12
N VAL B 143 3.98 -13.64 25.83
CA VAL B 143 3.38 -12.80 26.86
C VAL B 143 2.06 -13.40 27.34
N GLY B 144 1.32 -14.00 26.42
CA GLY B 144 0.07 -14.69 26.74
C GLY B 144 -1.17 -13.83 26.54
N PHE B 145 -1.76 -13.94 25.35
CA PHE B 145 -2.98 -13.22 25.01
C PHE B 145 -4.12 -14.21 24.76
N ASP B 146 -5.36 -13.72 24.82
CA ASP B 146 -6.54 -14.54 24.53
C ASP B 146 -6.47 -15.08 23.10
N PRO B 147 -6.45 -16.41 22.94
CA PRO B 147 -6.25 -17.05 21.63
C PRO B 147 -7.43 -16.85 20.66
N ASP B 148 -8.51 -16.27 21.15
CA ASP B 148 -9.72 -16.07 20.35
C ASP B 148 -10.11 -14.61 20.21
N LYS B 149 -9.47 -13.75 21.01
CA LYS B 149 -9.72 -12.31 20.94
C LYS B 149 -8.44 -11.53 20.61
N THR B 150 -7.55 -12.16 19.85
CA THR B 150 -6.30 -11.53 19.42
C THR B 150 -5.95 -11.92 17.98
N PHE B 151 -5.60 -10.92 17.17
CA PHE B 151 -5.17 -11.12 15.80
C PHE B 151 -3.79 -10.51 15.58
N ILE B 152 -2.82 -11.37 15.27
CA ILE B 152 -1.47 -10.93 14.95
C ILE B 152 -1.24 -11.11 13.46
N PHE B 153 -0.97 -9.99 12.78
CA PHE B 153 -0.80 -10.01 11.33
C PHE B 153 0.47 -9.30 10.88
N GLN B 154 0.88 -9.59 9.65
CA GLN B 154 2.06 -9.04 9.04
C GLN B 154 1.60 -8.24 7.82
N ASN B 155 2.02 -6.98 7.74
CA ASN B 155 1.56 -6.09 6.66
C ASN B 155 1.76 -6.62 5.25
N SER B 156 2.84 -7.40 5.06
CA SER B 156 3.15 -7.99 3.76
C SER B 156 2.27 -9.21 3.44
N GLU B 157 1.64 -9.76 4.47
CA GLU B 157 0.88 -10.99 4.35
C GLU B 157 -0.62 -10.71 4.41
N PHE B 158 -1.06 -10.07 5.48
CA PHE B 158 -2.43 -9.59 5.59
C PHE B 158 -2.49 -8.21 4.91
N THR B 159 -2.36 -8.24 3.58
CA THR B 159 -2.27 -7.01 2.79
C THR B 159 -3.58 -6.22 2.74
N LYS B 160 -4.57 -6.68 3.49
CA LYS B 160 -5.85 -6.00 3.59
C LYS B 160 -5.72 -4.58 4.13
N ILE B 161 -4.70 -4.33 4.95
CA ILE B 161 -4.49 -2.98 5.50
C ILE B 161 -4.22 -1.93 4.43
N TYR B 162 -3.76 -2.37 3.26
CA TYR B 162 -3.61 -1.45 2.14
C TYR B 162 -4.98 -0.85 1.77
N GLU B 163 -6.00 -1.70 1.64
CA GLU B 163 -7.36 -1.26 1.39
C GLU B 163 -7.92 -0.49 2.58
N MET B 164 -7.44 -0.84 3.78
CA MET B 164 -7.84 -0.14 5.01
C MET B 164 -7.15 1.21 5.18
N ALA B 165 -6.08 1.43 4.42
CA ALA B 165 -5.28 2.66 4.52
C ALA B 165 -5.67 3.73 3.50
N ILE B 166 -6.22 3.30 2.37
CA ILE B 166 -6.55 4.19 1.26
C ILE B 166 -7.38 5.43 1.67
N PRO B 167 -8.49 5.24 2.42
CA PRO B 167 -9.26 6.40 2.88
C PRO B 167 -8.43 7.53 3.49
N ILE B 168 -7.57 7.21 4.46
CA ILE B 168 -6.74 8.23 5.11
C ILE B 168 -5.51 8.63 4.29
N ALA B 169 -5.13 7.78 3.32
CA ALA B 169 -4.04 8.09 2.41
C ALA B 169 -4.45 9.19 1.42
N LYS B 170 -5.76 9.46 1.36
CA LYS B 170 -6.31 10.54 0.56
C LYS B 170 -6.51 11.79 1.41
N LYS B 171 -6.67 11.60 2.72
CA LYS B 171 -6.84 12.70 3.65
C LYS B 171 -5.50 13.36 3.97
N ILE B 172 -4.53 12.55 4.41
CA ILE B 172 -3.21 13.05 4.76
C ILE B 172 -2.48 13.50 3.50
N ASN B 173 -2.39 14.81 3.33
CA ASN B 173 -1.64 15.38 2.23
C ASN B 173 -0.15 15.37 2.56
N PHE B 174 0.68 15.60 1.55
CA PHE B 174 2.11 15.44 1.68
C PHE B 174 2.80 16.49 2.57
N SER B 175 2.27 17.70 2.58
CA SER B 175 2.76 18.77 3.45
C SER B 175 2.65 18.36 4.92
N MET B 176 1.54 17.70 5.26
CA MET B 176 1.31 17.17 6.61
C MET B 176 2.32 16.10 6.99
N ALA B 177 2.62 15.21 6.05
CA ALA B 177 3.54 14.11 6.28
C ALA B 177 4.93 14.59 6.68
N LYS B 178 5.45 15.58 5.95
CA LYS B 178 6.77 16.17 6.24
C LYS B 178 6.79 16.87 7.59
N ALA B 179 5.69 17.54 7.91
CA ALA B 179 5.61 18.32 9.15
C ALA B 179 5.57 17.42 10.38
N VAL B 180 4.83 16.32 10.30
CA VAL B 180 4.65 15.42 11.44
C VAL B 180 5.83 14.45 11.59
N PHE B 181 6.28 13.86 10.49
CA PHE B 181 7.27 12.78 10.52
C PHE B 181 8.68 13.17 10.06
N GLY B 182 8.83 14.40 9.56
CA GLY B 182 10.12 14.92 9.14
C GLY B 182 10.68 14.30 7.87
N PHE B 183 9.79 13.90 6.96
CA PHE B 183 10.22 13.37 5.66
C PHE B 183 10.88 14.45 4.83
N THR B 184 11.82 14.06 3.98
CA THR B 184 12.50 14.99 3.09
C THR B 184 12.39 14.47 1.66
N GLU B 185 12.87 15.28 0.71
CA GLU B 185 12.85 14.90 -0.70
C GLU B 185 13.64 13.62 -0.98
N GLN B 186 14.46 13.22 -0.02
CA GLN B 186 15.30 12.02 -0.15
C GLN B 186 14.61 10.77 0.40
N SER B 187 13.43 10.95 0.99
CA SER B 187 12.63 9.83 1.48
C SER B 187 12.16 8.96 0.32
N LYS B 188 11.87 7.69 0.60
CA LYS B 188 11.37 6.80 -0.43
C LYS B 188 9.84 6.88 -0.39
N ILE B 189 9.21 6.73 -1.55
CA ILE B 189 7.74 6.87 -1.64
C ILE B 189 6.98 5.95 -0.69
N GLY B 190 7.54 4.76 -0.44
CA GLY B 190 6.98 3.80 0.52
C GLY B 190 7.05 4.29 1.96
N MET B 191 8.06 5.11 2.25
CA MET B 191 8.21 5.72 3.57
C MET B 191 7.10 6.73 3.81
N ILE B 192 6.82 7.53 2.78
CA ILE B 192 5.84 8.60 2.85
C ILE B 192 4.41 8.06 2.97
N PHE B 193 4.16 6.91 2.35
CA PHE B 193 2.86 6.28 2.40
C PHE B 193 2.59 5.59 3.74
N PHE B 194 3.65 5.07 4.35
CA PHE B 194 3.52 4.19 5.52
C PHE B 194 2.63 4.67 6.68
N PRO B 195 2.67 5.97 7.03
CA PRO B 195 1.80 6.43 8.12
C PRO B 195 0.34 6.01 7.96
N ALA B 196 -0.14 5.93 6.72
CA ALA B 196 -1.50 5.45 6.42
C ALA B 196 -1.68 3.99 6.85
N ILE B 197 -0.63 3.20 6.69
CA ILE B 197 -0.63 1.79 7.07
C ILE B 197 -0.69 1.59 8.59
N GLN B 198 0.08 2.39 9.34
CA GLN B 198 0.10 2.26 10.80
C GLN B 198 -1.16 2.82 11.47
N ILE B 199 -1.81 3.76 10.80
CA ILE B 199 -3.06 4.34 11.28
C ILE B 199 -4.23 3.37 10.99
N ALA B 200 -4.16 2.67 9.87
CA ALA B 200 -5.23 1.79 9.39
C ALA B 200 -5.86 0.84 10.43
N PRO B 201 -5.05 0.16 11.27
CA PRO B 201 -5.65 -0.77 12.24
C PRO B 201 -6.60 -0.15 13.26
N THR B 202 -6.66 1.18 13.33
CA THR B 202 -7.63 1.86 14.21
C THR B 202 -9.05 1.78 13.62
N PHE B 203 -9.15 1.37 12.36
CA PHE B 203 -10.43 1.23 11.69
C PHE B 203 -10.84 -0.24 11.54
N PHE B 204 -10.31 -1.10 12.42
CA PHE B 204 -10.68 -2.51 12.43
C PHE B 204 -12.11 -2.73 12.89
N GLU B 205 -12.55 -1.87 13.81
CA GLU B 205 -13.92 -1.91 14.33
C GLU B 205 -14.52 -0.51 14.42
N ARG B 206 -15.84 -0.45 14.51
CA ARG B 206 -16.55 0.82 14.68
C ARG B 206 -16.46 1.34 16.12
N LYS B 207 -16.25 0.42 17.06
CA LYS B 207 -15.95 0.76 18.45
C LYS B 207 -14.64 1.55 18.51
N ARG B 208 -14.44 2.34 19.55
CA ARG B 208 -13.22 3.16 19.64
C ARG B 208 -11.98 2.36 20.06
N CYS B 209 -10.82 2.85 19.64
CA CYS B 209 -9.56 2.12 19.79
C CYS B 209 -8.70 2.66 20.93
N LEU B 210 -8.00 1.75 21.62
CA LEU B 210 -6.99 2.11 22.63
C LEU B 210 -5.64 1.59 22.20
N ILE B 211 -4.64 2.47 22.19
CA ILE B 211 -3.28 2.09 21.78
C ILE B 211 -2.26 2.25 22.93
N PRO B 212 -1.92 1.13 23.59
CA PRO B 212 -0.83 1.12 24.56
C PRO B 212 0.53 1.00 23.87
N ALA B 213 1.34 2.06 23.98
CA ALA B 213 2.67 2.11 23.39
C ALA B 213 3.52 3.14 24.12
N ALA B 214 4.77 3.31 23.69
CA ALA B 214 5.60 4.39 24.22
C ALA B 214 5.34 5.69 23.49
N ILE B 215 5.70 6.80 24.12
CA ILE B 215 5.40 8.14 23.62
C ILE B 215 5.93 8.42 22.21
N ASP B 216 6.94 7.66 21.77
CA ASP B 216 7.56 7.88 20.46
C ASP B 216 6.64 7.59 19.27
N GLN B 217 5.63 6.76 19.50
CA GLN B 217 4.72 6.34 18.42
C GLN B 217 3.54 7.29 18.23
N ASP B 218 3.47 8.31 19.07
CA ASP B 218 2.33 9.23 19.12
C ASP B 218 2.02 10.05 17.85
N PRO B 219 3.06 10.54 17.12
CA PRO B 219 2.81 11.27 15.88
C PRO B 219 1.74 10.65 14.96
N TYR B 220 1.73 9.31 14.84
CA TYR B 220 0.73 8.61 14.04
C TYR B 220 -0.68 8.84 14.53
N TRP B 221 -0.84 8.84 15.86
CA TRP B 221 -2.15 8.86 16.48
C TRP B 221 -2.81 10.23 16.41
N ARG B 222 -2.03 11.29 16.63
CA ARG B 222 -2.57 12.65 16.53
C ARG B 222 -2.95 13.00 15.09
N LEU B 223 -2.33 12.32 14.13
CA LEU B 223 -2.69 12.49 12.72
C LEU B 223 -3.94 11.68 12.39
N GLN B 224 -4.12 10.54 13.07
CA GLN B 224 -5.33 9.73 12.93
C GLN B 224 -6.54 10.51 13.42
N ARG B 225 -6.35 11.25 14.50
CA ARG B 225 -7.44 11.97 15.17
C ARG B 225 -7.90 13.19 14.37
N ASP B 226 -7.05 13.67 13.47
CA ASP B 226 -7.38 14.77 12.58
C ASP B 226 -8.45 14.40 11.55
N PHE B 227 -8.50 13.12 11.19
CA PHE B 227 -9.39 12.67 10.12
C PHE B 227 -10.33 11.52 10.49
N ALA B 228 -10.24 11.05 11.74
CA ALA B 228 -11.01 9.89 12.19
C ALA B 228 -12.52 10.04 11.98
N GLU B 229 -13.07 11.17 12.40
CA GLU B 229 -14.51 11.42 12.33
C GLU B 229 -15.03 11.60 10.90
N SER B 230 -14.25 12.28 10.07
CA SER B 230 -14.60 12.47 8.66
C SER B 230 -14.58 11.14 7.90
N LEU B 231 -13.85 10.16 8.43
CA LEU B 231 -13.79 8.83 7.84
C LEU B 231 -14.83 7.89 8.46
N GLY B 232 -15.55 8.39 9.46
CA GLY B 232 -16.65 7.66 10.08
C GLY B 232 -16.26 6.78 11.25
N TYR B 233 -15.18 7.15 11.93
CA TYR B 233 -14.68 6.41 13.09
C TYR B 233 -14.42 7.34 14.28
N TYR B 234 -14.27 6.76 15.45
CA TYR B 234 -13.87 7.52 16.64
C TYR B 234 -12.39 7.88 16.52
N LYS B 235 -12.01 9.02 17.10
CA LYS B 235 -10.59 9.35 17.20
C LYS B 235 -9.93 8.53 18.29
N THR B 236 -8.89 7.79 17.89
CA THR B 236 -8.27 6.76 18.73
C THR B 236 -7.77 7.27 20.09
N ALA B 237 -7.96 6.44 21.11
CA ALA B 237 -7.41 6.68 22.43
C ALA B 237 -6.00 6.08 22.51
N ALA B 238 -5.21 6.56 23.46
CA ALA B 238 -3.83 6.08 23.61
C ALA B 238 -3.36 6.11 25.06
N LEU B 239 -2.48 5.17 25.39
CA LEU B 239 -1.75 5.18 26.63
C LEU B 239 -0.25 5.22 26.31
N HIS B 240 0.42 6.27 26.76
CA HIS B 240 1.83 6.48 26.45
C HIS B 240 2.71 6.11 27.64
N SER B 241 3.70 5.26 27.37
CA SER B 241 4.70 4.92 28.39
C SER B 241 5.95 5.75 28.21
N LYS B 242 6.78 5.81 29.25
CA LYS B 242 8.11 6.38 29.15
C LYS B 242 9.03 5.39 28.43
N PHE B 243 10.31 5.72 28.34
CA PHE B 243 11.28 4.82 27.75
C PHE B 243 12.08 4.08 28.80
N VAL B 244 12.46 2.85 28.50
CA VAL B 244 13.40 2.10 29.32
C VAL B 244 14.80 2.55 28.91
N PRO B 245 15.57 3.11 29.86
CA PRO B 245 16.92 3.59 29.55
C PRO B 245 17.91 2.45 29.35
N SER B 246 19.00 2.73 28.63
CA SER B 246 20.07 1.75 28.46
C SER B 246 20.92 1.67 29.74
N LEU B 247 21.74 0.62 29.83
CA LEU B 247 22.59 0.38 31.00
C LEU B 247 23.49 1.57 31.36
N THR B 248 24.33 1.98 30.41
CA THR B 248 25.32 3.01 30.66
C THR B 248 24.72 4.41 30.64
N SER B 249 24.11 4.78 29.52
CA SER B 249 23.63 6.14 29.28
C SER B 249 22.28 6.44 29.95
N LEU B 250 22.08 7.72 30.26
CA LEU B 250 20.80 8.21 30.80
C LEU B 250 20.03 8.97 29.73
N SER B 251 20.70 9.24 28.60
CA SER B 251 20.10 9.90 27.45
C SER B 251 19.67 8.88 26.39
N GLY B 252 18.72 9.29 25.55
CA GLY B 252 18.15 8.40 24.54
C GLY B 252 17.28 7.33 25.17
N LYS B 253 17.35 6.12 24.62
CA LYS B 253 16.62 4.96 25.16
C LYS B 253 17.39 3.67 24.88
N MET B 254 16.88 2.56 25.40
CA MET B 254 17.44 1.25 25.10
C MET B 254 17.13 0.92 23.64
N SER B 255 18.19 0.73 22.85
CA SER B 255 18.06 0.47 21.43
C SER B 255 18.97 -0.67 20.98
N ALA B 256 18.52 -1.39 19.94
CA ALA B 256 19.31 -2.47 19.35
C ALA B 256 20.56 -1.96 18.63
N SER B 257 20.63 -0.64 18.43
CA SER B 257 21.81 0.01 17.85
C SER B 257 23.04 -0.19 18.73
N LYS B 258 22.83 -0.20 20.04
CA LYS B 258 23.86 -0.55 21.01
C LYS B 258 23.47 -1.81 21.80
N PRO B 259 23.78 -2.99 21.25
CA PRO B 259 23.39 -4.27 21.87
C PRO B 259 24.01 -4.53 23.24
N GLU B 260 25.17 -3.92 23.50
CA GLU B 260 25.89 -4.14 24.75
C GLU B 260 25.21 -3.45 25.95
N THR B 261 24.33 -2.50 25.67
CA THR B 261 23.58 -1.80 26.72
C THR B 261 22.09 -2.16 26.72
N ALA B 262 21.74 -3.18 25.93
CA ALA B 262 20.37 -3.63 25.82
C ALA B 262 20.22 -5.08 26.29
N ILE B 263 19.13 -5.33 27.04
CA ILE B 263 18.78 -6.68 27.44
C ILE B 263 17.73 -7.23 26.47
N TYR B 264 18.17 -8.10 25.57
CA TYR B 264 17.28 -8.75 24.61
C TYR B 264 16.46 -9.84 25.29
N LEU B 265 15.24 -10.04 24.81
CA LEU B 265 14.36 -11.08 25.32
C LEU B 265 14.92 -12.47 25.06
N THR B 266 15.91 -12.53 24.18
CA THR B 266 16.52 -13.79 23.76
C THR B 266 17.89 -14.03 24.44
N ASP B 267 18.34 -13.04 25.23
CA ASP B 267 19.63 -13.12 25.93
C ASP B 267 19.71 -14.26 26.93
N SER B 268 20.87 -14.93 26.96
CA SER B 268 21.15 -16.00 27.91
C SER B 268 21.46 -15.45 29.30
N PRO B 269 21.43 -16.30 30.34
CA PRO B 269 21.77 -15.85 31.71
C PRO B 269 23.17 -15.25 31.81
N GLU B 270 24.13 -15.85 31.11
CA GLU B 270 25.51 -15.33 31.09
C GLU B 270 25.66 -14.03 30.31
N ASP B 271 24.79 -13.82 29.32
CA ASP B 271 24.74 -12.55 28.58
C ASP B 271 24.32 -11.40 29.48
N VAL B 272 23.31 -11.65 30.32
CA VAL B 272 22.85 -10.66 31.30
C VAL B 272 23.98 -10.34 32.28
N GLU B 273 24.60 -11.38 32.81
CA GLU B 273 25.71 -11.25 33.77
C GLU B 273 26.85 -10.39 33.20
N LYS B 274 27.37 -10.77 32.04
CA LYS B 274 28.46 -10.04 31.38
C LYS B 274 28.12 -8.58 31.11
N LYS B 275 26.89 -8.31 30.66
CA LYS B 275 26.46 -6.95 30.33
C LYS B 275 26.38 -6.03 31.56
N VAL B 276 25.91 -6.58 32.68
CA VAL B 276 25.78 -5.82 33.92
C VAL B 276 27.11 -5.71 34.67
N TRP B 277 27.76 -6.85 34.92
CA TRP B 277 29.05 -6.90 35.63
C TRP B 277 30.13 -6.01 34.99
N LYS B 278 30.18 -6.00 33.66
CA LYS B 278 31.30 -5.48 32.87
C LYS B 278 31.57 -3.99 33.00
N PHE B 279 30.51 -3.19 33.20
CA PHE B 279 30.67 -1.74 33.20
C PHE B 279 30.48 -1.07 34.55
N THR B 280 31.23 -0.01 34.77
CA THR B 280 31.27 0.74 36.05
C THR B 280 29.92 1.32 36.47
N LEU B 281 29.13 1.76 35.48
CA LEU B 281 27.78 2.33 35.68
C LEU B 281 27.74 3.51 36.66
N LYS B 300 23.94 4.61 38.55
CA LYS B 300 23.26 3.68 39.46
C LYS B 300 21.76 3.95 39.61
N CYS B 301 21.30 5.05 39.00
CA CYS B 301 19.87 5.33 38.87
C CYS B 301 19.25 4.27 37.95
N VAL B 302 19.97 3.95 36.88
CA VAL B 302 19.56 2.96 35.88
C VAL B 302 19.28 1.59 36.53
N VAL B 303 20.15 1.18 37.45
CA VAL B 303 20.02 -0.09 38.18
C VAL B 303 18.63 -0.22 38.82
N PHE B 304 18.17 0.86 39.47
CA PHE B 304 16.89 0.87 40.15
C PHE B 304 15.72 1.37 39.32
N LYS B 305 16.02 2.07 38.22
CA LYS B 305 15.01 2.49 37.26
C LYS B 305 14.30 1.27 36.66
N TRP B 306 15.09 0.25 36.32
CA TRP B 306 14.58 -0.99 35.72
C TRP B 306 13.72 -1.77 36.70
N LEU B 307 14.15 -1.82 37.95
CA LEU B 307 13.41 -2.49 39.01
C LEU B 307 12.10 -1.78 39.33
N GLU B 308 12.12 -0.46 39.23
CA GLU B 308 10.94 0.37 39.45
C GLU B 308 9.89 0.16 38.35
N ILE B 309 10.36 0.00 37.11
CA ILE B 309 9.45 0.01 35.96
C ILE B 309 9.01 -1.37 35.46
N PHE B 310 9.73 -2.42 35.82
CA PHE B 310 9.41 -3.77 35.29
C PHE B 310 9.69 -4.96 36.20
N PHE B 311 10.78 -4.92 36.96
CA PHE B 311 11.30 -6.14 37.61
C PHE B 311 10.82 -6.45 39.04
N GLU B 312 10.90 -5.48 39.94
CA GLU B 312 10.46 -5.71 41.32
C GLU B 312 8.96 -5.42 41.50
N GLU B 313 8.18 -6.49 41.66
CA GLU B 313 6.72 -6.39 41.73
C GLU B 313 6.23 -5.94 43.12
N ASP B 314 7.13 -5.99 44.11
CA ASP B 314 6.80 -5.59 45.48
C ASP B 314 7.20 -4.12 45.71
N ASP B 315 6.21 -3.29 46.05
CA ASP B 315 6.41 -1.86 46.29
C ASP B 315 7.24 -1.59 47.54
N LYS B 316 6.98 -2.36 48.59
CA LYS B 316 7.65 -2.19 49.89
C LYS B 316 9.11 -2.62 49.83
N LYS B 317 9.38 -3.70 49.10
CA LYS B 317 10.73 -4.22 48.92
C LYS B 317 11.57 -3.33 48.01
N LEU B 318 10.91 -2.73 47.02
CA LEU B 318 11.55 -1.82 46.07
C LEU B 318 12.06 -0.56 46.77
N LYS B 319 11.19 0.06 47.58
CA LYS B 319 11.52 1.28 48.31
C LYS B 319 12.62 1.03 49.35
N GLU B 320 12.57 -0.15 49.97
CA GLU B 320 13.51 -0.54 51.02
C GLU B 320 14.94 -0.65 50.50
N ARG B 321 15.09 -1.21 49.30
CA ARG B 321 16.41 -1.42 48.70
C ARG B 321 16.98 -0.14 48.08
N TYR B 322 16.09 0.79 47.70
CA TYR B 322 16.49 2.09 47.18
C TYR B 322 17.14 2.94 48.27
N TYR B 323 16.52 2.95 49.46
CA TYR B 323 17.06 3.63 50.63
C TYR B 323 18.35 2.96 51.12
N ALA B 324 18.38 1.63 51.08
CA ALA B 324 19.54 0.86 51.50
C ALA B 324 20.73 1.02 50.55
N CYS B 325 20.46 1.39 49.31
CA CYS B 325 21.49 1.60 48.30
C CYS B 325 22.09 3.00 48.36
N LYS B 326 21.21 4.01 48.35
CA LYS B 326 21.63 5.42 48.32
C LYS B 326 22.32 5.86 49.62
N ASN B 327 21.91 5.25 50.74
CA ASN B 327 22.52 5.52 52.04
C ASN B 327 23.80 4.72 52.29
N GLY B 328 24.14 3.85 51.35
CA GLY B 328 25.40 3.09 51.38
C GLY B 328 25.39 1.86 52.27
N GLU B 329 24.20 1.43 52.70
CA GLU B 329 24.07 0.25 53.56
C GLU B 329 24.27 -1.06 52.78
N LEU B 330 24.01 -1.02 51.48
CA LEU B 330 24.29 -2.14 50.59
C LEU B 330 25.28 -1.73 49.50
N THR B 331 26.28 -2.58 49.27
CA THR B 331 27.27 -2.34 48.22
C THR B 331 26.63 -2.50 46.85
N CYS B 332 27.19 -1.80 45.86
CA CYS B 332 26.67 -1.83 44.49
C CYS B 332 26.72 -3.25 43.91
N GLY B 333 27.72 -4.02 44.33
CA GLY B 333 27.88 -5.42 43.93
C GLY B 333 26.69 -6.28 44.30
N GLU B 334 26.10 -5.99 45.46
CA GLU B 334 24.89 -6.68 45.91
C GLU B 334 23.69 -6.25 45.05
N CYS B 335 23.63 -4.96 44.73
CA CYS B 335 22.54 -4.39 43.94
C CYS B 335 22.52 -4.91 42.50
N LYS B 336 23.71 -5.00 41.90
CA LYS B 336 23.87 -5.55 40.55
C LYS B 336 23.51 -7.03 40.50
N ARG B 337 23.90 -7.76 41.53
CA ARG B 337 23.57 -9.18 41.69
C ARG B 337 22.07 -9.36 41.88
N TYR B 338 21.44 -8.44 42.60
CA TYR B 338 20.00 -8.43 42.82
C TYR B 338 19.23 -8.13 41.54
N LEU B 339 19.76 -7.22 40.73
CA LEU B 339 19.17 -6.86 39.45
C LEU B 339 19.26 -8.03 38.46
N ILE B 340 20.45 -8.61 38.33
CA ILE B 340 20.70 -9.73 37.41
C ILE B 340 19.76 -10.89 37.66
N SER B 341 19.58 -11.25 38.93
CA SER B 341 18.72 -12.36 39.33
C SER B 341 17.27 -12.18 38.89
N LYS B 342 16.78 -10.94 38.98
CA LYS B 342 15.42 -10.61 38.56
C LYS B 342 15.25 -10.58 37.04
N ILE B 343 16.28 -10.10 36.34
CA ILE B 343 16.30 -10.15 34.87
C ILE B 343 16.35 -11.59 34.40
N GLN B 344 17.14 -12.43 35.08
CA GLN B 344 17.29 -13.83 34.73
C GLN B 344 16.03 -14.65 35.01
N GLU B 345 15.33 -14.32 36.09
CA GLU B 345 14.06 -14.96 36.42
C GLU B 345 13.03 -14.73 35.32
N PHE B 346 12.91 -13.48 34.89
CA PHE B 346 11.98 -13.10 33.83
C PHE B 346 12.33 -13.74 32.50
N LEU B 347 13.62 -13.68 32.12
CA LEU B 347 14.06 -14.21 30.84
C LEU B 347 14.01 -15.73 30.76
N LYS B 348 14.27 -16.39 31.88
CA LYS B 348 14.14 -17.85 31.96
C LYS B 348 12.69 -18.25 31.72
N GLU B 349 11.77 -17.53 32.36
CA GLU B 349 10.34 -17.77 32.23
C GLU B 349 9.82 -17.38 30.84
N HIS B 350 10.31 -16.26 30.31
CA HIS B 350 9.91 -15.79 28.98
C HIS B 350 10.38 -16.74 27.88
N GLN B 351 11.64 -17.16 27.95
CA GLN B 351 12.22 -18.08 26.96
C GLN B 351 11.59 -19.47 27.01
N ARG B 352 11.13 -19.86 28.19
CA ARG B 352 10.36 -21.10 28.37
C ARG B 352 9.03 -21.02 27.62
N ARG B 353 8.32 -19.92 27.83
CA ARG B 353 7.03 -19.66 27.18
C ARG B 353 7.18 -19.38 25.69
N ARG B 354 8.37 -18.93 25.32
CA ARG B 354 8.73 -18.63 23.94
C ARG B 354 8.78 -19.90 23.09
N LYS B 355 9.22 -21.00 23.69
CA LYS B 355 9.29 -22.28 22.99
C LYS B 355 7.90 -22.90 22.81
N LYS B 356 7.04 -22.72 23.82
CA LYS B 356 5.65 -23.16 23.76
C LYS B 356 4.82 -22.33 22.77
N ALA B 357 5.28 -21.11 22.54
CA ALA B 357 4.63 -20.15 21.63
C ALA B 357 4.69 -20.58 20.17
N GLU B 358 5.70 -21.39 19.82
CA GLU B 358 5.92 -21.86 18.45
C GLU B 358 4.72 -22.65 17.91
N LYS B 359 3.97 -23.27 18.83
CA LYS B 359 2.81 -24.07 18.49
C LYS B 359 1.56 -23.21 18.27
N LEU B 360 1.50 -22.09 18.96
CA LEU B 360 0.32 -21.22 18.94
C LEU B 360 0.29 -20.19 17.80
N VAL B 361 1.36 -20.16 17.00
CA VAL B 361 1.50 -19.17 15.92
C VAL B 361 0.35 -19.22 14.92
N GLU B 362 0.05 -20.41 14.42
CA GLU B 362 -1.03 -20.61 13.45
C GLU B 362 -2.38 -20.11 13.97
N LYS B 363 -2.61 -20.29 15.27
CA LYS B 363 -3.85 -19.87 15.92
C LYS B 363 -3.99 -18.35 15.96
N PHE B 364 -2.93 -17.68 16.44
CA PHE B 364 -2.94 -16.21 16.57
C PHE B 364 -2.90 -15.47 15.23
N LYS B 365 -2.46 -16.15 14.17
CA LYS B 365 -2.34 -15.54 12.86
C LYS B 365 -3.46 -15.90 11.90
N TYR B 366 -4.04 -17.10 12.04
CA TYR B 366 -5.00 -17.61 11.07
C TYR B 366 -6.24 -18.29 11.67
N THR B 367 -6.00 -19.31 12.49
CA THR B 367 -7.04 -20.26 12.91
C THR B 367 -7.97 -19.72 14.00
N GLY B 368 -7.44 -18.85 14.87
CA GLY B 368 -8.18 -18.29 16.00
C GLY B 368 -9.50 -17.63 15.63
N LYS B 369 -10.36 -17.47 16.62
CA LYS B 369 -11.71 -16.92 16.44
C LYS B 369 -11.68 -15.56 15.74
N LEU B 370 -10.83 -14.65 16.24
CA LEU B 370 -10.68 -13.33 15.65
C LEU B 370 -9.92 -13.41 14.33
N ALA B 371 -8.82 -14.15 14.34
CA ALA B 371 -7.97 -14.33 13.15
C ALA B 371 -8.74 -14.86 11.94
N GLN B 372 -9.64 -15.82 12.19
CA GLN B 372 -10.47 -16.40 11.15
C GLN B 372 -11.47 -15.40 10.60
N GLU B 373 -12.05 -14.61 11.50
CA GLU B 373 -13.00 -13.55 11.12
C GLU B 373 -12.36 -12.57 10.14
N MET B 374 -11.16 -12.11 10.48
CA MET B 374 -10.45 -11.10 9.71
C MET B 374 -9.96 -11.65 8.38
N TRP B 375 -9.52 -12.92 8.36
CA TRP B 375 -9.05 -13.55 7.13
C TRP B 375 -10.17 -13.86 6.15
N ASN B 376 -11.41 -13.87 6.65
CA ASN B 376 -12.58 -14.05 5.80
C ASN B 376 -12.86 -12.79 4.97
N GLU B 377 -11.80 -12.02 4.72
CA GLU B 377 -11.82 -10.92 3.76
C GLU B 377 -11.08 -11.34 2.49
N ALA B 378 -10.94 -12.66 2.34
CA ALA B 378 -10.62 -13.27 1.07
C ALA B 378 -11.95 -13.61 0.42
N ILE B 379 -12.27 -12.86 -0.63
CA ILE B 379 -13.55 -12.95 -1.35
C ILE B 379 -14.08 -14.37 -1.64
N PRO B 380 -15.42 -14.57 -1.56
CA PRO B 380 -16.04 -15.90 -1.74
C PRO B 380 -15.72 -16.57 -3.07
N GLU B 381 -14.98 -17.68 -2.99
CA GLU B 381 -14.60 -18.48 -4.15
C GLU B 381 -14.70 -20.00 -3.84
P TYM C . -6.97 5.12 -18.07
O1P TYM C . -8.09 4.42 -17.40
O2P TYM C . -6.89 6.59 -18.04
O5' TYM C . -6.95 4.69 -19.63
C5' TYM C . -7.09 3.31 -20.00
C4' TYM C . -6.21 2.94 -21.21
O4' TYM C . -6.64 3.68 -22.39
C1' TYM C . -5.53 4.49 -22.90
N9 TYM C . -6.21 5.73 -23.34
C4 TYM C . -6.41 6.10 -24.60
N3 TYM C . -6.10 5.58 -25.80
C2 TYM C . -6.43 6.19 -26.93
N1 TYM C . -7.09 7.35 -26.92
C6 TYM C . -7.43 7.93 -25.76
N6 TYM C . -8.09 9.09 -25.76
C5 TYM C . -7.09 7.32 -24.56
N7 TYM C . -7.28 7.62 -23.29
C8 TYM C . -6.75 6.65 -22.54
C2' TYM C . -4.56 4.62 -21.72
O2' TYM C . -3.22 4.75 -22.19
C3' TYM C . -4.73 3.29 -21.00
O3' TYM C . -3.94 2.27 -21.63
NH3 TYM C . -3.66 4.66 -14.43
CA TYM C . -4.19 3.95 -15.59
CB TYM C . -4.63 2.55 -15.16
CG TYM C . -3.52 1.49 -15.42
CD2 TYM C . -2.89 1.17 -16.61
CE2 TYM C . -1.95 0.15 -16.36
CE3 TYM C . -3.04 1.65 -17.91
CD1 TYM C . -2.96 0.68 -14.48
NE1 TYM C . -1.98 -0.14 -15.06
CZ2 TYM C . -1.18 -0.36 -17.38
CZ3 TYM C . -2.26 1.13 -18.95
CH2 TYM C . -1.33 0.12 -18.68
C TYM C . -5.40 4.69 -16.18
O TYM C . -6.11 5.38 -15.45
OPP TYM C . -5.57 4.51 -17.52
S SO4 D . -10.53 10.09 -19.55
O1 SO4 D . -9.54 10.80 -20.36
O2 SO4 D . -9.92 8.88 -19.01
O3 SO4 D . -10.99 10.95 -18.47
O4 SO4 D . -11.66 9.72 -20.39
P TYM E . 9.07 -0.54 17.60
O1P TYM E . 9.17 -1.88 16.98
O2P TYM E . 10.21 0.40 17.47
O5' TYM E . 8.77 -0.72 19.17
C5' TYM E . 7.70 -1.55 19.60
C4' TYM E . 7.06 -1.02 20.89
O4' TYM E . 8.11 -0.79 21.89
C1' TYM E . 8.02 0.59 22.35
N9 TYM E . 9.43 0.95 22.69
C4 TYM E . 9.90 1.16 23.92
N3 TYM E . 9.33 1.13 25.14
C2 TYM E . 10.05 1.39 26.24
N1 TYM E . 11.34 1.68 26.16
C6 TYM E . 11.97 1.72 24.97
N6 TYM E . 13.27 2.01 24.91
C5 TYM E . 11.24 1.46 23.81
N7 TYM E . 11.56 1.43 22.52
C8 TYM E . 10.44 1.11 21.84
C2' TYM E . 7.37 1.34 21.19
O2' TYM E . 6.67 2.48 21.68
C3' TYM E . 6.37 0.32 20.67
O3' TYM E . 5.18 0.35 21.47
NH3 TYM E . 6.43 1.38 13.88
CA TYM E . 6.28 0.69 15.16
CB TYM E . 5.45 -0.57 14.99
CG TYM E . 3.93 -0.32 15.27
CD2 TYM E . 3.32 0.07 16.45
CE2 TYM E . 1.94 0.17 16.22
CE3 TYM E . 3.83 0.34 17.72
CD1 TYM E . 2.93 -0.44 14.36
NE1 TYM E . 1.69 -0.13 14.95
CZ2 TYM E . 1.09 0.54 17.26
CZ3 TYM E . 2.98 0.71 18.75
CH2 TYM E . 1.61 0.82 18.52
C TYM E . 7.66 0.30 15.71
O TYM E . 8.61 0.11 14.94
OPP TYM E . 7.72 0.19 17.09
S SO4 F . 15.12 0.06 18.87
O1 SO4 F . 15.62 1.37 18.47
O2 SO4 F . 14.82 0.07 20.30
O3 SO4 F . 13.90 -0.26 18.14
O4 SO4 F . 16.12 -0.95 18.58
#